data_6SGE
#
_entry.id   6SGE
#
_cell.length_a   66.840
_cell.length_b   70.227
_cell.length_c   71.212
_cell.angle_alpha   90.000
_cell.angle_beta   107.680
_cell.angle_gamma   90.000
#
_symmetry.space_group_name_H-M   'P 1 21 1'
#
loop_
_entity.id
_entity.type
_entity.pdbx_description
1 polymer 'Rho-related GTP-binding protein RhoB'
2 polymer 'Nanobody B6'
3 non-polymer "GUANOSINE-5'-TRIPHOSPHATE"
4 non-polymer 'MAGNESIUM ION'
5 water water
#
loop_
_entity_poly.entity_id
_entity_poly.type
_entity_poly.pdbx_seq_one_letter_code
_entity_poly.pdbx_strand_id
1 'polypeptide(L)'
;MAAIRKKLVVVGDGACGKTCLLIVFSKDEFPEVYVPTVFENYVADIEVDGKQVELALWDTAGLEDYDRLRPLSYPDTDVI
LMCFSVDSPDSLENIPEKWVPEVKHFCPNVPIILVANKKDLRSDEHVRTELARMKQEPVRTDDGRAMAVRIQAYDYLECS
AKTKEGVREVFETATRAALQKRY
;
A,C
2 'polypeptide(L)'
;AVQLQASGGGFVQPGGSLRLSCAASGYGSTIETMGWFRQAPGKEREFVSAISRAPGPSQYYADSVKGRFTISRDNSKNTV
YLQMNSLRAEDTATYYCAPINNRTMQDSMFLWNYWGQGTQVTVSSAAAENLYFQ
;
B,D
#
loop_
_chem_comp.id
_chem_comp.type
_chem_comp.name
_chem_comp.formula
GTP non-polymer GUANOSINE-5'-TRIPHOSPHATE 'C10 H16 N5 O14 P3'
MG non-polymer 'MAGNESIUM ION' 'Mg 2'
#
# COMPACT_ATOMS: atom_id res chain seq x y z
N ALA A 3 -19.95 29.18 -17.03
CA ALA A 3 -20.62 28.09 -16.34
C ALA A 3 -20.31 28.15 -14.85
N ILE A 4 -21.18 27.52 -14.09
CA ILE A 4 -21.13 27.51 -12.64
C ILE A 4 -20.21 26.38 -12.24
N ARG A 5 -19.30 26.61 -11.29
CA ARG A 5 -18.41 25.58 -10.77
C ARG A 5 -18.89 25.09 -9.41
N LYS A 6 -18.93 23.77 -9.22
CA LYS A 6 -19.28 23.20 -7.92
C LYS A 6 -18.36 22.03 -7.61
N LYS A 7 -18.14 21.83 -6.32
CA LYS A 7 -17.22 20.81 -5.84
C LYS A 7 -17.99 19.67 -5.16
N LEU A 8 -17.79 18.47 -5.65
CA LEU A 8 -18.34 17.23 -5.12
C LEU A 8 -17.20 16.39 -4.56
N VAL A 9 -17.41 15.84 -3.38
CA VAL A 9 -16.47 14.93 -2.73
C VAL A 9 -17.17 13.63 -2.39
N VAL A 10 -16.56 12.52 -2.78
CA VAL A 10 -17.10 11.19 -2.53
C VAL A 10 -16.34 10.54 -1.38
N VAL A 11 -17.06 9.92 -0.47
CA VAL A 11 -16.49 9.21 0.66
C VAL A 11 -17.22 7.88 0.82
N GLY A 12 -16.62 6.99 1.61
CA GLY A 12 -17.16 5.67 1.81
C GLY A 12 -16.04 4.65 1.94
N ASP A 13 -16.41 3.46 2.41
CA ASP A 13 -15.47 2.40 2.69
C ASP A 13 -14.61 2.04 1.49
N GLY A 14 -13.40 1.58 1.80
CA GLY A 14 -12.58 1.07 0.74
C GLY A 14 -13.27 0.03 -0.09
N ALA A 15 -13.07 0.08 -1.40
CA ALA A 15 -13.53 -0.88 -2.38
C ALA A 15 -15.04 -0.89 -2.59
N CYS A 16 -15.73 0.17 -2.16
CA CYS A 16 -17.19 0.21 -2.27
C CYS A 16 -17.64 0.84 -3.57
N GLY A 17 -16.75 1.16 -4.47
CA GLY A 17 -17.06 1.57 -5.81
C GLY A 17 -16.99 3.04 -6.12
N LYS A 18 -16.44 3.86 -5.25
CA LYS A 18 -16.36 5.28 -5.46
C LYS A 18 -15.70 5.65 -6.77
N THR A 19 -14.50 5.14 -7.00
CA THR A 19 -13.76 5.53 -8.20
C THR A 19 -14.50 5.07 -9.45
N CYS A 20 -15.05 3.86 -9.45
CA CYS A 20 -15.74 3.39 -10.65
C CYS A 20 -16.96 4.28 -10.94
N LEU A 21 -17.65 4.74 -9.88
CA LEU A 21 -18.79 5.63 -10.08
C LEU A 21 -18.35 6.94 -10.70
N LEU A 22 -17.29 7.52 -10.17
CA LEU A 22 -16.85 8.82 -10.68
C LEU A 22 -16.33 8.72 -12.09
N ILE A 23 -15.54 7.68 -12.39
CA ILE A 23 -14.98 7.50 -13.71
C ILE A 23 -16.02 7.14 -14.75
N VAL A 24 -17.02 6.31 -14.39
CA VAL A 24 -18.07 6.04 -15.37
C VAL A 24 -18.79 7.34 -15.69
N PHE A 25 -19.08 8.12 -14.67
CA PHE A 25 -19.79 9.39 -14.92
C PHE A 25 -18.88 10.46 -15.65
N SER A 26 -17.65 10.69 -15.15
CA SER A 26 -16.76 11.79 -15.71
C SER A 26 -16.15 11.48 -17.15
N LYS A 27 -15.76 10.21 -17.40
CA LYS A 27 -15.14 9.71 -18.67
C LYS A 27 -15.93 8.57 -19.37
N ASP A 28 -17.18 8.25 -18.98
CA ASP A 28 -17.91 7.11 -19.58
C ASP A 28 -17.13 5.75 -19.73
N GLU A 29 -16.21 5.42 -18.80
CA GLU A 29 -15.36 4.18 -18.80
C GLU A 29 -15.36 3.51 -17.43
N PHE A 30 -15.32 2.20 -17.46
CA PHE A 30 -15.28 1.45 -16.19
C PHE A 30 -13.93 0.81 -15.99
N PRO A 31 -13.24 1.17 -14.92
CA PRO A 31 -11.89 0.65 -14.68
C PRO A 31 -11.88 -0.86 -14.50
N GLU A 32 -10.95 -1.51 -15.21
CA GLU A 32 -10.90 -2.98 -15.19
C GLU A 32 -10.24 -3.53 -13.92
N VAL A 33 -9.18 -2.91 -13.43
CA VAL A 33 -8.41 -3.47 -12.33
C VAL A 33 -8.52 -2.54 -11.12
N TYR A 34 -8.84 -3.11 -9.94
CA TYR A 34 -9.01 -2.36 -8.70
C TYR A 34 -7.65 -1.85 -8.24
N VAL A 35 -7.50 -0.53 -8.24
CA VAL A 35 -6.36 0.15 -7.68
C VAL A 35 -6.90 1.12 -6.64
N PRO A 36 -6.60 0.91 -5.35
CA PRO A 36 -7.00 1.84 -4.32
C PRO A 36 -6.57 3.25 -4.64
N THR A 37 -7.52 4.18 -4.41
CA THR A 37 -7.27 5.60 -4.52
C THR A 37 -6.36 6.07 -3.40
N VAL A 38 -5.54 7.09 -3.70
CA VAL A 38 -4.85 7.85 -2.68
C VAL A 38 -5.64 9.12 -2.55
N PHE A 39 -5.48 10.04 -3.50
CA PHE A 39 -6.45 11.13 -3.72
C PHE A 39 -6.20 11.69 -5.11
N GLU A 40 -7.25 12.21 -5.75
CA GLU A 40 -7.20 12.81 -7.07
C GLU A 40 -8.59 13.33 -7.36
N ASN A 41 -8.71 14.12 -8.42
CA ASN A 41 -10.04 14.58 -8.77
C ASN A 41 -10.17 14.62 -10.27
N TYR A 42 -11.44 14.78 -10.65
CA TYR A 42 -11.88 14.84 -12.04
C TYR A 42 -12.77 16.06 -12.33
N VAL A 43 -12.90 16.36 -13.61
CA VAL A 43 -13.82 17.41 -14.05
C VAL A 43 -14.90 16.77 -14.91
N ALA A 44 -16.14 17.17 -14.70
CA ALA A 44 -17.22 16.75 -15.60
C ALA A 44 -18.12 17.95 -15.84
N ASP A 45 -18.61 18.09 -17.05
CA ASP A 45 -19.63 19.07 -17.35
C ASP A 45 -20.99 18.39 -17.25
N ILE A 46 -21.94 19.06 -16.62
CA ILE A 46 -23.27 18.50 -16.57
C ILE A 46 -24.29 19.61 -16.78
N GLU A 47 -25.38 19.28 -17.48
CA GLU A 47 -26.52 20.16 -17.58
C GLU A 47 -27.67 19.53 -16.81
N VAL A 48 -28.17 20.26 -15.83
CA VAL A 48 -29.28 19.81 -15.01
C VAL A 48 -30.29 20.93 -14.95
N ASP A 49 -31.56 20.59 -15.21
CA ASP A 49 -32.67 21.54 -15.16
C ASP A 49 -32.33 22.80 -15.97
N GLY A 50 -31.69 22.60 -17.11
CA GLY A 50 -31.37 23.70 -17.99
C GLY A 50 -30.12 24.48 -17.66
N LYS A 51 -29.43 24.13 -16.56
CA LYS A 51 -28.26 24.90 -16.13
C LYS A 51 -26.98 24.13 -16.41
N GLN A 52 -25.94 24.86 -16.80
CA GLN A 52 -24.64 24.29 -17.11
C GLN A 52 -23.74 24.41 -15.89
N VAL A 53 -23.18 23.29 -15.44
CA VAL A 53 -22.36 23.24 -14.24
C VAL A 53 -21.10 22.47 -14.60
N GLU A 54 -19.95 23.02 -14.21
CA GLU A 54 -18.70 22.29 -14.23
C GLU A 54 -18.52 21.66 -12.85
N LEU A 55 -18.61 20.33 -12.80
CA LEU A 55 -18.52 19.60 -11.56
C LEU A 55 -17.06 19.22 -11.40
N ALA A 56 -16.51 19.46 -10.24
CA ALA A 56 -15.23 18.83 -9.89
C ALA A 56 -15.53 17.68 -8.96
N LEU A 57 -14.97 16.51 -9.27
CA LEU A 57 -15.31 15.28 -8.59
C LEU A 57 -14.06 14.83 -7.83
N TRP A 58 -14.09 14.95 -6.53
CA TRP A 58 -12.91 14.69 -5.70
C TRP A 58 -13.03 13.30 -5.13
N ASP A 59 -12.08 12.46 -5.50
CA ASP A 59 -12.06 11.05 -5.13
C ASP A 59 -11.17 10.89 -3.93
N THR A 60 -11.60 10.08 -3.00
CA THR A 60 -10.89 9.84 -1.75
C THR A 60 -10.62 8.38 -1.53
N ALA A 61 -9.63 8.10 -0.71
CA ALA A 61 -9.29 6.75 -0.32
C ALA A 61 -10.18 6.35 0.83
N GLY A 62 -10.85 5.21 0.68
CA GLY A 62 -11.63 4.69 1.80
C GLY A 62 -10.86 3.86 2.78
N LEU A 63 -9.69 3.36 2.40
CA LEU A 63 -8.94 2.54 3.32
C LEU A 63 -8.50 3.35 4.53
N GLU A 64 -8.66 2.76 5.70
CA GLU A 64 -8.24 3.44 6.93
C GLU A 64 -6.78 3.81 6.90
N ASP A 65 -5.96 3.06 6.18
CA ASP A 65 -4.53 3.40 6.07
C ASP A 65 -4.31 4.79 5.49
N TYR A 66 -5.28 5.34 4.75
CA TYR A 66 -5.15 6.68 4.19
C TYR A 66 -6.11 7.65 4.85
N ASP A 67 -6.60 7.33 6.06
CA ASP A 67 -7.45 8.26 6.79
C ASP A 67 -6.88 9.67 6.87
N ARG A 68 -5.60 9.83 7.14
CA ARG A 68 -5.02 11.15 7.37
C ARG A 68 -5.11 12.04 6.14
N LEU A 69 -5.29 11.44 4.97
CA LEU A 69 -5.33 12.19 3.73
C LEU A 69 -6.69 12.75 3.42
N ARG A 70 -7.73 12.13 3.97
CA ARG A 70 -9.08 12.46 3.53
C ARG A 70 -9.42 13.92 3.79
N PRO A 71 -9.05 14.53 4.92
CA PRO A 71 -9.43 15.94 5.13
C PRO A 71 -8.80 16.91 4.14
N LEU A 72 -7.79 16.47 3.38
CA LEU A 72 -7.25 17.30 2.31
C LEU A 72 -8.30 17.63 1.25
N SER A 73 -9.29 16.77 1.08
CA SER A 73 -10.30 16.95 0.03
C SER A 73 -11.49 17.79 0.47
N TYR A 74 -11.73 17.94 1.78
CA TYR A 74 -13.05 18.46 2.21
C TYR A 74 -13.25 19.96 2.11
N PRO A 75 -12.23 20.82 2.12
CA PRO A 75 -12.51 22.26 2.13
C PRO A 75 -13.31 22.71 0.92
N ASP A 76 -14.29 23.57 1.18
CA ASP A 76 -15.09 24.22 0.15
C ASP A 76 -15.92 23.27 -0.69
N THR A 77 -16.38 22.18 -0.06
CA THR A 77 -17.20 21.21 -0.74
C THR A 77 -18.62 21.73 -0.82
N ASP A 78 -19.23 21.53 -1.99
CA ASP A 78 -20.63 21.92 -2.19
C ASP A 78 -21.61 20.77 -2.00
N VAL A 79 -21.21 19.53 -2.22
CA VAL A 79 -22.05 18.34 -2.04
C VAL A 79 -21.15 17.13 -1.79
N ILE A 80 -21.65 16.23 -0.96
CA ILE A 80 -20.99 14.99 -0.58
C ILE A 80 -21.77 13.84 -1.17
N LEU A 81 -21.11 12.95 -1.89
CA LEU A 81 -21.64 11.63 -2.17
C LEU A 81 -21.12 10.72 -1.09
N MET A 82 -21.96 10.10 -0.35
CA MET A 82 -21.57 9.20 0.75
C MET A 82 -22.00 7.79 0.34
N CYS A 83 -21.03 6.96 0.05
CA CYS A 83 -21.29 5.71 -0.64
C CYS A 83 -21.07 4.51 0.28
N PHE A 84 -21.87 3.47 0.03
CA PHE A 84 -21.69 2.12 0.52
C PHE A 84 -21.94 1.21 -0.65
N SER A 85 -21.70 -0.09 -0.50
CA SER A 85 -22.01 -0.96 -1.61
C SER A 85 -22.82 -2.16 -1.14
N VAL A 86 -23.63 -2.68 -2.06
CA VAL A 86 -24.60 -3.68 -1.63
C VAL A 86 -23.97 -5.02 -1.36
N ASP A 87 -22.72 -5.24 -1.81
CA ASP A 87 -21.98 -6.44 -1.49
C ASP A 87 -21.34 -6.36 -0.10
N SER A 88 -21.54 -5.25 0.62
CA SER A 88 -20.91 -5.08 1.93
C SER A 88 -21.88 -4.51 2.96
N PRO A 89 -22.54 -5.35 3.72
CA PRO A 89 -23.36 -4.86 4.84
C PRO A 89 -22.57 -3.99 5.79
N ASP A 90 -21.28 -4.31 5.99
CA ASP A 90 -20.49 -3.47 6.87
C ASP A 90 -20.34 -2.06 6.33
N SER A 91 -20.30 -1.88 5.00
CA SER A 91 -20.14 -0.56 4.43
C SER A 91 -21.34 0.30 4.74
N LEU A 92 -22.53 -0.28 4.85
CA LEU A 92 -23.68 0.50 5.30
C LEU A 92 -23.60 0.83 6.78
N GLU A 93 -23.21 -0.13 7.60
CA GLU A 93 -23.06 0.14 9.03
C GLU A 93 -22.05 1.23 9.28
N ASN A 94 -21.04 1.35 8.42
CA ASN A 94 -20.05 2.38 8.67
C ASN A 94 -20.53 3.77 8.31
N ILE A 95 -21.68 3.89 7.65
CA ILE A 95 -22.20 5.21 7.28
C ILE A 95 -22.40 6.01 8.58
N PRO A 96 -23.18 5.56 9.54
CA PRO A 96 -23.36 6.38 10.72
C PRO A 96 -22.19 6.33 11.67
N GLU A 97 -21.39 5.26 11.62
CA GLU A 97 -20.32 5.08 12.62
C GLU A 97 -19.09 5.90 12.28
N LYS A 98 -18.77 6.01 10.99
CA LYS A 98 -17.57 6.70 10.54
C LYS A 98 -17.85 7.87 9.62
N TRP A 99 -18.63 7.66 8.56
CA TRP A 99 -18.68 8.64 7.49
C TRP A 99 -19.47 9.87 7.90
N VAL A 100 -20.63 9.69 8.52
CA VAL A 100 -21.43 10.82 8.94
C VAL A 100 -20.66 11.70 9.93
N PRO A 101 -20.08 11.17 11.01
CA PRO A 101 -19.38 12.05 11.93
C PRO A 101 -18.23 12.79 11.27
N GLU A 102 -17.51 12.15 10.35
CA GLU A 102 -16.38 12.82 9.71
C GLU A 102 -16.83 13.94 8.80
N VAL A 103 -17.86 13.69 8.00
CA VAL A 103 -18.32 14.73 7.06
C VAL A 103 -19.03 15.85 7.82
N LYS A 104 -19.74 15.53 8.90
CA LYS A 104 -20.32 16.60 9.71
C LYS A 104 -19.25 17.51 10.28
N HIS A 105 -18.11 16.94 10.68
CA HIS A 105 -17.04 17.72 11.29
C HIS A 105 -16.40 18.65 10.26
N PHE A 106 -16.06 18.11 9.10
CA PHE A 106 -15.26 18.85 8.13
C PHE A 106 -16.07 19.58 7.10
N CYS A 107 -17.35 19.20 6.94
CA CYS A 107 -18.25 19.75 5.92
C CYS A 107 -19.58 20.06 6.55
N PRO A 108 -19.59 20.85 7.63
CA PRO A 108 -20.86 21.19 8.25
C PRO A 108 -21.80 21.83 7.23
N ASN A 109 -23.04 21.40 7.28
CA ASN A 109 -24.13 21.97 6.47
C ASN A 109 -24.03 21.68 4.98
N VAL A 110 -23.11 20.81 4.56
CA VAL A 110 -23.01 20.43 3.16
C VAL A 110 -23.97 19.27 2.91
N PRO A 111 -24.85 19.34 1.91
CA PRO A 111 -25.80 18.24 1.70
C PRO A 111 -25.09 16.94 1.36
N ILE A 112 -25.67 15.83 1.82
CA ILE A 112 -25.12 14.49 1.65
C ILE A 112 -26.11 13.69 0.81
N ILE A 113 -25.67 13.13 -0.30
CA ILE A 113 -26.45 12.14 -1.05
C ILE A 113 -25.96 10.78 -0.58
N LEU A 114 -26.81 9.95 -0.02
CA LEU A 114 -26.47 8.58 0.34
C LEU A 114 -26.69 7.70 -0.86
N VAL A 115 -25.66 7.00 -1.29
CA VAL A 115 -25.64 6.27 -2.56
C VAL A 115 -25.29 4.81 -2.27
N ALA A 116 -26.12 3.90 -2.74
CA ALA A 116 -25.82 2.47 -2.78
C ALA A 116 -25.17 2.14 -4.11
N ASN A 117 -23.92 1.68 -4.07
CA ASN A 117 -23.20 1.26 -5.27
C ASN A 117 -23.32 -0.22 -5.51
N LYS A 118 -22.97 -0.61 -6.74
CA LYS A 118 -22.86 -1.99 -7.18
C LYS A 118 -24.21 -2.69 -7.14
N LYS A 119 -25.29 -2.00 -7.49
CA LYS A 119 -26.60 -2.60 -7.27
C LYS A 119 -26.81 -3.85 -8.14
N ASP A 120 -26.03 -4.01 -9.20
CA ASP A 120 -26.08 -5.19 -10.03
C ASP A 120 -25.76 -6.45 -9.25
N LEU A 121 -25.04 -6.32 -8.15
CA LEU A 121 -24.61 -7.51 -7.44
C LEU A 121 -25.74 -8.11 -6.61
N ARG A 122 -26.89 -7.43 -6.48
CA ARG A 122 -28.02 -8.07 -5.81
C ARG A 122 -28.40 -9.33 -6.52
N SER A 123 -28.22 -9.41 -7.83
CA SER A 123 -28.60 -10.59 -8.61
C SER A 123 -27.40 -11.46 -8.98
N ASP A 124 -26.24 -11.21 -8.39
CA ASP A 124 -25.08 -12.01 -8.73
C ASP A 124 -25.06 -13.26 -7.87
N GLU A 125 -25.12 -14.43 -8.51
CA GLU A 125 -25.25 -15.67 -7.76
C GLU A 125 -24.03 -15.92 -6.88
N HIS A 126 -22.84 -15.58 -7.38
CA HIS A 126 -21.62 -15.79 -6.59
C HIS A 126 -21.61 -14.91 -5.34
N VAL A 127 -21.98 -13.63 -5.49
CA VAL A 127 -22.11 -12.78 -4.32
C VAL A 127 -23.11 -13.34 -3.32
N ARG A 128 -24.30 -13.68 -3.83
CA ARG A 128 -25.35 -14.17 -2.96
C ARG A 128 -24.89 -15.44 -2.27
N THR A 129 -24.23 -16.36 -3.01
CA THR A 129 -23.86 -17.64 -2.45
C THR A 129 -22.81 -17.46 -1.37
N GLU A 130 -21.84 -16.55 -1.60
CA GLU A 130 -20.77 -16.48 -0.63
C GLU A 130 -21.20 -15.65 0.59
N LEU A 131 -21.93 -14.57 0.38
CA LEU A 131 -22.45 -13.86 1.53
C LEU A 131 -23.36 -14.75 2.37
N ALA A 132 -24.21 -15.58 1.71
CA ALA A 132 -25.06 -16.52 2.42
C ALA A 132 -24.24 -17.53 3.20
N ARG A 133 -23.09 -17.91 2.66
CA ARG A 133 -22.25 -18.85 3.39
C ARG A 133 -21.80 -18.26 4.71
N MET A 134 -21.74 -16.93 4.76
CA MET A 134 -21.35 -16.19 5.96
C MET A 134 -22.53 -15.57 6.65
N LYS A 135 -23.76 -16.08 6.34
CA LYS A 135 -25.03 -15.63 6.97
C LYS A 135 -25.33 -14.15 6.71
N GLN A 136 -24.96 -13.67 5.53
CA GLN A 136 -25.25 -12.31 5.10
C GLN A 136 -25.97 -12.34 3.77
N GLU A 137 -26.34 -11.17 3.32
CA GLU A 137 -26.97 -11.02 2.02
C GLU A 137 -26.74 -9.63 1.50
N PRO A 138 -26.93 -9.42 0.21
CA PRO A 138 -26.80 -8.06 -0.32
C PRO A 138 -27.72 -7.06 0.38
N VAL A 139 -27.20 -5.84 0.54
CA VAL A 139 -27.95 -4.80 1.23
C VAL A 139 -29.23 -4.50 0.46
N ARG A 140 -30.37 -4.45 1.15
CA ARG A 140 -31.65 -4.20 0.52
C ARG A 140 -31.98 -2.72 0.49
N THR A 141 -32.73 -2.31 -0.56
CA THR A 141 -33.16 -0.91 -0.70
C THR A 141 -33.79 -0.38 0.58
N ASP A 142 -34.65 -1.17 1.23
CA ASP A 142 -35.31 -0.66 2.42
C ASP A 142 -34.31 -0.23 3.48
N ASP A 143 -33.21 -0.96 3.62
CA ASP A 143 -32.27 -0.59 4.66
C ASP A 143 -31.41 0.60 4.25
N GLY A 144 -31.12 0.77 2.97
CA GLY A 144 -30.48 1.99 2.53
C GLY A 144 -31.36 3.20 2.78
N ARG A 145 -32.65 3.08 2.41
CA ARG A 145 -33.56 4.20 2.60
C ARG A 145 -33.67 4.52 4.09
N ALA A 146 -33.73 3.50 4.95
CA ALA A 146 -33.87 3.75 6.37
C ALA A 146 -32.68 4.53 6.90
N MET A 147 -31.49 4.19 6.39
CA MET A 147 -30.28 4.90 6.79
C MET A 147 -30.31 6.33 6.31
N ALA A 148 -30.81 6.55 5.09
CA ALA A 148 -30.93 7.91 4.58
C ALA A 148 -31.86 8.74 5.46
N VAL A 149 -32.94 8.15 5.96
CA VAL A 149 -33.78 8.87 6.91
C VAL A 149 -33.04 9.13 8.22
N ARG A 150 -32.42 8.10 8.77
CA ARG A 150 -31.67 8.24 10.02
C ARG A 150 -30.66 9.38 9.94
N ILE A 151 -29.92 9.48 8.84
CA ILE A 151 -28.88 10.50 8.77
C ILE A 151 -29.35 11.78 8.10
N GLN A 152 -30.63 11.84 7.78
CA GLN A 152 -31.27 13.03 7.18
C GLN A 152 -30.52 13.47 5.93
N ALA A 153 -30.18 12.48 5.11
CA ALA A 153 -29.57 12.74 3.81
C ALA A 153 -30.48 13.58 2.94
N TYR A 154 -29.86 14.41 2.13
CA TYR A 154 -30.58 15.18 1.11
C TYR A 154 -31.36 14.27 0.19
N ASP A 155 -30.78 13.14 -0.17
CA ASP A 155 -31.48 12.13 -0.96
C ASP A 155 -30.76 10.80 -0.82
N TYR A 156 -31.45 9.76 -1.30
CA TYR A 156 -31.01 8.37 -1.32
C TYR A 156 -31.14 7.84 -2.74
N LEU A 157 -30.07 7.29 -3.31
CA LEU A 157 -30.07 6.79 -4.65
C LEU A 157 -29.26 5.52 -4.72
N GLU A 158 -29.58 4.69 -5.68
CA GLU A 158 -28.91 3.43 -5.92
C GLU A 158 -28.41 3.39 -7.35
N CYS A 159 -27.24 2.79 -7.55
CA CYS A 159 -26.65 2.78 -8.89
C CYS A 159 -25.76 1.57 -9.09
N SER A 160 -25.46 1.35 -10.37
CA SER A 160 -24.41 0.40 -10.78
C SER A 160 -23.48 1.08 -11.75
N ALA A 161 -22.22 1.30 -11.35
CA ALA A 161 -21.26 1.79 -12.33
C ALA A 161 -21.04 0.80 -13.45
N LYS A 162 -21.16 -0.50 -13.15
CA LYS A 162 -20.86 -1.55 -14.11
C LYS A 162 -21.89 -1.55 -15.24
N THR A 163 -23.19 -1.43 -14.91
CA THR A 163 -24.20 -1.43 -15.95
C THR A 163 -24.60 -0.04 -16.38
N LYS A 164 -24.22 0.97 -15.60
CA LYS A 164 -24.48 2.39 -15.76
C LYS A 164 -25.84 2.75 -15.16
N GLU A 165 -26.62 1.78 -14.71
CA GLU A 165 -27.94 2.10 -14.14
C GLU A 165 -27.80 3.11 -13.00
N GLY A 166 -28.58 4.20 -13.06
CA GLY A 166 -28.64 5.12 -11.93
C GLY A 166 -27.49 6.11 -11.81
N VAL A 167 -26.43 5.97 -12.64
CA VAL A 167 -25.25 6.79 -12.44
C VAL A 167 -25.53 8.25 -12.75
N ARG A 168 -26.13 8.54 -13.91
N ARG A 168 -26.15 8.53 -13.90
CA ARG A 168 -26.43 9.92 -14.26
CA ARG A 168 -26.45 9.90 -14.27
C ARG A 168 -27.29 10.56 -13.17
C ARG A 168 -27.33 10.57 -13.23
N GLU A 169 -28.29 9.83 -12.67
CA GLU A 169 -29.18 10.39 -11.68
C GLU A 169 -28.47 10.77 -10.39
N VAL A 170 -27.45 10.02 -9.98
CA VAL A 170 -26.69 10.36 -8.80
C VAL A 170 -26.09 11.75 -8.99
N PHE A 171 -25.46 11.98 -10.15
CA PHE A 171 -24.79 13.26 -10.36
C PHE A 171 -25.74 14.39 -10.65
N GLU A 172 -26.90 14.10 -11.26
CA GLU A 172 -27.90 15.13 -11.43
C GLU A 172 -28.44 15.58 -10.08
N THR A 173 -28.71 14.63 -9.20
CA THR A 173 -29.23 14.94 -7.88
C THR A 173 -28.17 15.66 -7.08
N ALA A 174 -26.92 15.20 -7.15
CA ALA A 174 -25.88 15.91 -6.42
C ALA A 174 -25.73 17.33 -6.92
N THR A 175 -25.82 17.54 -8.21
CA THR A 175 -25.70 18.89 -8.73
C THR A 175 -26.82 19.79 -8.23
N ARG A 176 -28.06 19.26 -8.22
CA ARG A 176 -29.16 20.04 -7.65
C ARG A 176 -28.90 20.40 -6.20
N ALA A 177 -28.35 19.46 -5.42
CA ALA A 177 -28.09 19.75 -4.00
C ALA A 177 -27.08 20.88 -3.89
N ALA A 178 -26.04 20.83 -4.71
CA ALA A 178 -25.00 21.85 -4.70
C ALA A 178 -25.53 23.21 -5.11
N LEU A 179 -26.51 23.25 -5.99
CA LEU A 179 -27.10 24.49 -6.47
C LEU A 179 -28.16 25.07 -5.53
N GLN A 180 -28.61 24.33 -4.53
CA GLN A 180 -29.73 24.79 -3.68
C GLN A 180 -29.37 25.99 -2.82
N ALA B 1 -6.02 -13.02 -12.64
CA ALA B 1 -7.18 -13.73 -13.26
C ALA B 1 -7.22 -15.23 -12.96
N VAL B 2 -6.13 -15.81 -12.44
CA VAL B 2 -6.27 -17.10 -11.80
C VAL B 2 -6.99 -16.90 -10.47
N GLN B 3 -7.99 -17.74 -10.18
CA GLN B 3 -8.78 -17.62 -8.95
C GLN B 3 -8.81 -18.96 -8.20
N LEU B 4 -8.62 -18.86 -6.89
CA LEU B 4 -8.50 -20.00 -6.00
C LEU B 4 -9.83 -20.32 -5.34
N GLN B 5 -10.17 -21.61 -5.38
CA GLN B 5 -11.46 -22.12 -4.90
C GLN B 5 -11.29 -23.08 -3.68
N ALA B 6 -11.99 -22.86 -2.54
CA ALA B 6 -11.84 -23.68 -1.29
C ALA B 6 -12.94 -24.80 -1.24
N SER B 7 -12.63 -26.03 -0.77
CA SER B 7 -13.61 -27.15 -0.57
C SER B 7 -13.23 -28.08 0.64
N GLY B 8 -14.01 -29.12 0.95
CA GLY B 8 -13.74 -30.02 2.07
C GLY B 8 -14.20 -29.62 3.50
N GLY B 9 -14.96 -28.52 3.67
CA GLY B 9 -15.45 -28.11 4.97
C GLY B 9 -16.60 -29.01 5.42
N GLY B 10 -16.96 -28.91 6.68
CA GLY B 10 -18.06 -29.72 7.19
C GLY B 10 -18.30 -29.46 8.66
N PHE B 11 -19.14 -30.27 9.25
CA PHE B 11 -19.37 -30.26 10.68
C PHE B 11 -18.46 -31.28 11.33
N VAL B 12 -17.78 -30.87 12.40
CA VAL B 12 -16.84 -31.73 13.12
C VAL B 12 -17.05 -31.56 14.62
N GLN B 13 -16.69 -32.59 15.38
CA GLN B 13 -16.68 -32.46 16.84
C GLN B 13 -15.35 -31.90 17.31
N PRO B 14 -15.32 -31.20 18.44
CA PRO B 14 -14.03 -30.75 19.00
C PRO B 14 -13.05 -31.91 19.02
N GLY B 15 -11.82 -31.64 18.56
CA GLY B 15 -10.78 -32.65 18.50
C GLY B 15 -10.69 -33.42 17.21
N GLY B 16 -11.67 -33.31 16.32
CA GLY B 16 -11.62 -34.02 15.06
C GLY B 16 -10.75 -33.32 14.04
N SER B 17 -10.74 -33.88 12.83
CA SER B 17 -9.85 -33.43 11.75
C SER B 17 -10.65 -33.23 10.46
N LEU B 18 -10.08 -32.40 9.60
CA LEU B 18 -10.65 -32.13 8.30
C LEU B 18 -9.54 -31.67 7.36
N ARG B 19 -9.65 -32.06 6.10
CA ARG B 19 -8.69 -31.60 5.09
C ARG B 19 -9.39 -30.72 4.06
N LEU B 20 -8.98 -29.46 4.00
CA LEU B 20 -9.52 -28.54 3.01
C LEU B 20 -8.65 -28.54 1.77
N SER B 21 -9.28 -28.27 0.64
CA SER B 21 -8.55 -28.22 -0.62
C SER B 21 -8.75 -26.87 -1.27
N CYS B 22 -7.70 -26.37 -1.90
CA CYS B 22 -7.73 -25.10 -2.62
C CYS B 22 -7.31 -25.40 -4.06
N ALA B 23 -8.23 -25.29 -5.00
CA ALA B 23 -7.94 -25.53 -6.41
C ALA B 23 -7.93 -24.22 -7.20
N ALA B 24 -7.13 -24.21 -8.27
CA ALA B 24 -6.99 -23.06 -9.15
C ALA B 24 -7.86 -23.19 -10.40
N SER B 25 -8.40 -22.05 -10.84
CA SER B 25 -9.18 -22.01 -12.07
C SER B 25 -8.97 -20.67 -12.74
N GLY B 26 -9.18 -20.67 -14.06
CA GLY B 26 -9.03 -19.50 -14.88
C GLY B 26 -7.64 -19.44 -15.47
N TYR B 27 -7.41 -18.36 -16.20
CA TYR B 27 -6.19 -18.17 -16.97
C TYR B 27 -5.46 -16.96 -16.41
N GLY B 28 -4.15 -17.07 -16.33
CA GLY B 28 -3.33 -15.94 -15.94
C GLY B 28 -2.05 -16.43 -15.30
N SER B 29 -1.27 -15.48 -14.79
CA SER B 29 0.02 -15.85 -14.20
C SER B 29 -0.20 -16.76 -12.99
N THR B 30 0.66 -17.76 -12.85
CA THR B 30 0.57 -18.71 -11.74
C THR B 30 0.63 -17.97 -10.40
N ILE B 31 -0.11 -18.50 -9.43
CA ILE B 31 -0.04 -18.00 -8.06
C ILE B 31 1.05 -18.77 -7.33
N GLU B 32 2.15 -18.08 -7.00
CA GLU B 32 3.27 -18.75 -6.35
C GLU B 32 3.11 -18.83 -4.83
N THR B 33 2.41 -17.88 -4.25
CA THR B 33 2.26 -17.76 -2.81
C THR B 33 0.78 -17.61 -2.55
N MET B 34 0.23 -18.58 -1.87
CA MET B 34 -1.20 -18.53 -1.57
C MET B 34 -1.39 -18.69 -0.08
N GLY B 35 -2.55 -18.22 0.39
CA GLY B 35 -2.89 -18.34 1.79
C GLY B 35 -4.32 -18.81 1.97
N TRP B 36 -4.52 -19.38 3.14
CA TRP B 36 -5.80 -19.67 3.73
C TRP B 36 -6.19 -18.56 4.69
N PHE B 37 -7.44 -18.11 4.58
CA PHE B 37 -8.08 -17.06 5.37
C PHE B 37 -9.36 -17.65 5.90
N ARG B 38 -9.80 -17.14 7.04
CA ARG B 38 -11.12 -17.57 7.54
C ARG B 38 -11.87 -16.40 8.13
N GLN B 39 -13.19 -16.54 8.11
CA GLN B 39 -14.10 -15.47 8.53
C GLN B 39 -15.22 -16.05 9.37
N ALA B 40 -15.36 -15.55 10.60
CA ALA B 40 -16.43 -15.95 11.50
C ALA B 40 -17.29 -14.72 11.84
N PRO B 41 -18.57 -14.90 12.15
CA PRO B 41 -19.42 -13.74 12.44
C PRO B 41 -18.85 -12.90 13.57
N GLY B 42 -18.82 -11.60 13.35
CA GLY B 42 -18.41 -10.66 14.38
C GLY B 42 -16.93 -10.34 14.42
N LYS B 43 -16.08 -11.33 14.14
CA LYS B 43 -14.63 -11.16 14.24
C LYS B 43 -14.05 -10.65 12.91
N GLU B 44 -12.83 -10.13 12.97
CA GLU B 44 -12.16 -9.71 11.73
C GLU B 44 -11.73 -10.96 10.92
N ARG B 45 -11.53 -10.76 9.62
CA ARG B 45 -10.99 -11.81 8.78
C ARG B 45 -9.60 -12.20 9.29
N GLU B 46 -9.33 -13.49 9.32
CA GLU B 46 -8.11 -13.99 9.94
C GLU B 46 -7.26 -14.75 8.95
N PHE B 47 -5.98 -14.35 8.87
CA PHE B 47 -4.99 -15.14 8.15
C PHE B 47 -4.67 -16.41 8.91
N VAL B 48 -4.65 -17.56 8.20
CA VAL B 48 -4.49 -18.88 8.82
C VAL B 48 -3.13 -19.46 8.47
N SER B 49 -2.81 -19.55 7.19
CA SER B 49 -1.59 -20.25 6.80
C SER B 49 -1.28 -19.90 5.37
N ALA B 50 0.00 -20.03 5.01
CA ALA B 50 0.36 -19.80 3.63
C ALA B 50 1.55 -20.68 3.23
N ILE B 51 1.71 -20.81 1.91
CA ILE B 51 2.78 -21.62 1.29
C ILE B 51 3.26 -20.88 0.05
N SER B 52 4.56 -20.94 -0.22
CA SER B 52 5.13 -20.19 -1.30
C SER B 52 5.93 -21.18 -2.12
N ARG B 53 7.10 -20.74 -2.60
CA ARG B 53 7.84 -21.56 -3.56
C ARG B 53 8.65 -22.68 -2.93
N ALA B 54 9.01 -22.50 -1.65
CA ALA B 54 9.91 -23.46 -0.99
C ALA B 54 9.11 -24.59 -0.37
N PRO B 55 9.38 -25.82 -0.72
CA PRO B 55 8.67 -26.94 -0.11
C PRO B 55 9.26 -27.23 1.26
N GLY B 56 8.62 -28.13 1.97
CA GLY B 56 9.21 -28.60 3.20
C GLY B 56 8.34 -28.19 4.37
N PRO B 57 8.77 -28.54 5.58
CA PRO B 57 7.88 -28.34 6.74
C PRO B 57 7.81 -26.90 7.20
N SER B 58 8.79 -26.06 6.89
CA SER B 58 8.74 -24.66 7.34
C SER B 58 7.81 -23.89 6.41
N GLN B 59 6.67 -23.42 6.94
CA GLN B 59 5.72 -22.66 6.14
C GLN B 59 5.26 -21.48 6.99
N TYR B 60 4.20 -20.84 6.55
CA TYR B 60 3.68 -19.66 7.23
C TYR B 60 2.43 -20.07 8.00
N TYR B 61 2.45 -19.88 9.32
CA TYR B 61 1.31 -20.27 10.13
C TYR B 61 0.98 -19.21 11.16
N ALA B 62 -0.31 -18.85 11.25
CA ALA B 62 -0.75 -18.07 12.40
C ALA B 62 -0.49 -18.83 13.68
N ASP B 63 -0.14 -18.10 14.73
CA ASP B 63 0.09 -18.75 16.02
C ASP B 63 -1.13 -19.57 16.44
N SER B 64 -2.33 -19.14 16.05
CA SER B 64 -3.60 -19.78 16.45
C SER B 64 -3.71 -21.21 15.97
N VAL B 65 -2.95 -21.59 14.95
CA VAL B 65 -3.10 -22.90 14.34
C VAL B 65 -1.81 -23.66 14.28
N LYS B 66 -0.70 -23.04 14.67
CA LYS B 66 0.59 -23.71 14.65
C LYS B 66 0.52 -25.05 15.35
N GLY B 67 1.09 -26.07 14.71
CA GLY B 67 1.15 -27.41 15.24
C GLY B 67 -0.12 -28.22 15.04
N ARG B 68 -1.24 -27.57 14.78
CA ARG B 68 -2.47 -28.30 14.51
C ARG B 68 -2.82 -28.34 13.03
N PHE B 69 -2.46 -27.30 12.29
CA PHE B 69 -2.78 -27.17 10.88
C PHE B 69 -1.50 -27.38 10.10
N THR B 70 -1.59 -28.07 8.98
CA THR B 70 -0.44 -28.29 8.10
C THR B 70 -0.87 -27.95 6.68
N ILE B 71 -0.12 -27.03 6.10
CA ILE B 71 -0.39 -26.59 4.75
C ILE B 71 0.63 -27.34 3.84
N SER B 72 0.18 -27.93 2.70
CA SER B 72 1.07 -28.63 1.70
C SER B 72 0.55 -28.48 0.23
N ARG B 73 1.32 -28.86 -0.82
CA ARG B 73 0.91 -28.79 -2.25
C ARG B 73 0.73 -30.26 -2.76
N ASP B 74 -0.20 -30.56 -3.69
CA ASP B 74 -0.37 -31.95 -4.25
C ASP B 74 0.87 -32.47 -5.09
N ASN B 75 1.84 -31.62 -5.48
CA ASN B 75 2.99 -32.05 -6.30
C ASN B 75 2.64 -32.49 -7.76
N SER B 76 1.35 -32.60 -8.15
CA SER B 76 0.86 -33.09 -9.51
C SER B 76 -0.47 -32.36 -10.13
N LYS B 77 -1.33 -31.94 -9.18
CA LYS B 77 -2.68 -31.37 -9.44
C LYS B 77 -2.91 -29.85 -9.26
N ASN B 78 -1.87 -29.06 -9.15
CA ASN B 78 -1.98 -27.59 -9.00
C ASN B 78 -3.05 -27.25 -7.90
N THR B 79 -3.04 -27.99 -6.75
CA THR B 79 -4.00 -27.87 -5.59
C THR B 79 -3.22 -27.74 -4.22
N VAL B 80 -3.62 -26.85 -3.27
CA VAL B 80 -3.01 -26.66 -1.93
C VAL B 80 -4.03 -27.28 -0.92
N TYR B 81 -3.60 -28.10 0.07
CA TYR B 81 -4.44 -28.77 1.11
C TYR B 81 -4.15 -28.08 2.48
N LEU B 82 -5.16 -27.90 3.37
CA LEU B 82 -5.00 -27.42 4.76
C LEU B 82 -5.44 -28.57 5.67
N GLN B 83 -4.49 -29.37 6.13
CA GLN B 83 -4.84 -30.46 7.03
C GLN B 83 -5.09 -29.87 8.41
N MET B 84 -6.31 -29.97 8.90
CA MET B 84 -6.71 -29.31 10.15
C MET B 84 -6.96 -30.38 11.20
N ASN B 85 -6.04 -30.48 12.18
CA ASN B 85 -6.19 -31.43 13.27
C ASN B 85 -6.51 -30.73 14.58
N SER B 86 -6.89 -31.54 15.56
CA SER B 86 -7.27 -31.07 16.89
C SER B 86 -8.14 -29.82 16.79
N LEU B 87 -9.20 -29.93 15.98
CA LEU B 87 -10.04 -28.78 15.73
C LEU B 87 -10.76 -28.37 17.02
N ARG B 88 -11.00 -27.07 17.14
CA ARG B 88 -11.62 -26.48 18.31
C ARG B 88 -12.74 -25.56 17.85
N ALA B 89 -13.61 -25.20 18.81
CA ALA B 89 -14.74 -24.34 18.48
C ALA B 89 -14.27 -23.04 17.85
N GLU B 90 -13.14 -22.51 18.30
CA GLU B 90 -12.59 -21.28 17.77
C GLU B 90 -12.26 -21.38 16.28
N ASP B 91 -12.18 -22.60 15.74
CA ASP B 91 -11.86 -22.78 14.34
C ASP B 91 -13.08 -22.66 13.45
N THR B 92 -14.27 -22.57 14.03
CA THR B 92 -15.50 -22.44 13.24
C THR B 92 -15.46 -21.15 12.44
N ALA B 93 -15.57 -21.24 11.13
CA ALA B 93 -15.45 -20.06 10.26
C ALA B 93 -15.71 -20.53 8.84
N THR B 94 -15.88 -19.56 7.92
CA THR B 94 -15.90 -19.83 6.50
C THR B 94 -14.47 -19.64 6.00
N TYR B 95 -13.92 -20.66 5.37
CA TYR B 95 -12.52 -20.68 4.95
C TYR B 95 -12.42 -20.40 3.46
N TYR B 96 -11.45 -19.57 3.10
CA TYR B 96 -11.20 -19.15 1.72
C TYR B 96 -9.70 -19.30 1.49
N CYS B 97 -9.34 -19.48 0.24
CA CYS B 97 -7.94 -19.38 -0.15
C CYS B 97 -7.82 -18.27 -1.19
N ALA B 98 -6.63 -17.68 -1.26
CA ALA B 98 -6.37 -16.54 -2.14
C ALA B 98 -4.87 -16.34 -2.25
N PRO B 99 -4.44 -15.65 -3.30
CA PRO B 99 -3.04 -15.24 -3.40
C PRO B 99 -2.67 -14.35 -2.24
N ILE B 100 -1.39 -14.36 -1.88
CA ILE B 100 -0.89 -13.41 -0.90
C ILE B 100 -0.39 -12.19 -1.67
N ASN B 101 -1.10 -11.08 -1.52
CA ASN B 101 -0.69 -9.85 -2.16
C ASN B 101 -1.25 -8.69 -1.36
N ASN B 102 -0.87 -7.48 -1.73
CA ASN B 102 -1.34 -6.30 -0.99
C ASN B 102 -2.92 -6.28 -0.92
N ARG B 103 -3.58 -6.56 -2.04
CA ARG B 103 -5.07 -6.50 -2.03
C ARG B 103 -5.61 -7.53 -0.96
N THR B 104 -5.25 -8.81 -1.07
N THR B 104 -5.08 -8.74 -0.94
CA THR B 104 -5.76 -9.82 -0.07
CA THR B 104 -5.64 -9.76 -0.02
C THR B 104 -5.45 -9.48 1.46
C THR B 104 -5.42 -9.46 1.49
N MET B 105 -4.33 -8.79 1.78
CA MET B 105 -3.95 -8.42 3.19
C MET B 105 -4.66 -7.09 3.62
N GLN B 106 -5.08 -6.27 2.64
CA GLN B 106 -5.75 -4.95 2.98
C GLN B 106 -7.03 -5.18 3.79
N ASP B 107 -7.34 -4.21 4.65
CA ASP B 107 -8.52 -4.33 5.57
C ASP B 107 -9.75 -3.78 4.89
N SER B 108 -10.41 -4.59 4.07
CA SER B 108 -11.60 -4.14 3.37
C SER B 108 -12.41 -5.34 2.92
N MET B 109 -13.62 -5.02 2.46
CA MET B 109 -14.60 -6.02 2.10
C MET B 109 -14.06 -7.06 1.15
N PHE B 110 -14.60 -8.27 1.23
CA PHE B 110 -14.42 -9.21 0.16
C PHE B 110 -15.00 -8.68 -1.15
N LEU B 111 -14.15 -8.61 -2.17
CA LEU B 111 -14.57 -8.38 -3.54
C LEU B 111 -14.76 -9.74 -4.23
N TRP B 112 -16.02 -10.08 -4.55
CA TRP B 112 -16.31 -11.41 -5.06
C TRP B 112 -15.83 -11.60 -6.48
N ASN B 113 -15.42 -10.53 -7.18
CA ASN B 113 -14.78 -10.66 -8.48
C ASN B 113 -13.35 -11.17 -8.31
N TYR B 114 -12.85 -11.16 -7.09
CA TYR B 114 -11.49 -11.58 -6.79
C TYR B 114 -11.40 -12.81 -5.88
N TRP B 115 -12.38 -13.07 -5.05
CA TRP B 115 -12.40 -14.25 -4.21
C TRP B 115 -13.31 -15.30 -4.81
N GLY B 116 -12.87 -16.54 -4.77
CA GLY B 116 -13.68 -17.67 -5.21
C GLY B 116 -14.52 -18.27 -4.11
N GLN B 117 -14.78 -19.56 -4.26
CA GLN B 117 -15.68 -20.27 -3.36
C GLN B 117 -15.05 -20.48 -2.00
N GLY B 118 -15.84 -20.21 -0.95
CA GLY B 118 -15.47 -20.54 0.40
C GLY B 118 -16.04 -21.88 0.82
N THR B 119 -15.58 -22.35 1.99
CA THR B 119 -16.08 -23.59 2.56
C THR B 119 -16.27 -23.47 4.05
N GLN B 120 -17.45 -23.85 4.54
CA GLN B 120 -17.79 -23.67 5.94
C GLN B 120 -17.23 -24.81 6.77
N VAL B 121 -16.61 -24.45 7.89
CA VAL B 121 -16.15 -25.40 8.89
C VAL B 121 -16.85 -25.05 10.18
N THR B 122 -17.66 -25.97 10.72
CA THR B 122 -18.32 -25.73 11.99
C THR B 122 -17.86 -26.80 12.97
N VAL B 123 -17.30 -26.37 14.10
CA VAL B 123 -16.89 -27.26 15.18
C VAL B 123 -17.91 -27.16 16.31
N SER B 124 -18.34 -28.31 16.86
CA SER B 124 -19.47 -28.31 17.77
C SER B 124 -19.45 -29.51 18.71
N SER B 125 -19.96 -29.30 19.94
CA SER B 125 -20.06 -30.39 20.91
C SER B 125 -20.78 -31.61 20.34
N ALA B 126 -21.84 -31.39 19.57
CA ALA B 126 -22.60 -32.50 18.96
C ALA B 126 -21.72 -33.29 18.02
N ALA C 2 20.02 -35.39 -1.81
CA ALA C 2 21.44 -35.19 -1.57
C ALA C 2 21.76 -33.82 -0.97
N ALA C 3 20.99 -32.79 -1.33
CA ALA C 3 21.36 -31.44 -0.92
C ALA C 3 20.95 -31.16 0.53
N ILE C 4 21.86 -30.47 1.22
CA ILE C 4 21.62 -29.90 2.53
C ILE C 4 20.65 -28.75 2.37
N ARG C 5 19.66 -28.64 3.26
CA ARG C 5 18.67 -27.56 3.19
C ARG C 5 18.90 -26.56 4.31
N LYS C 6 18.96 -25.28 3.97
CA LYS C 6 19.04 -24.21 4.97
C LYS C 6 18.06 -23.10 4.64
N LYS C 7 17.61 -22.45 5.69
CA LYS C 7 16.63 -21.38 5.60
C LYS C 7 17.25 -20.03 5.90
N LEU C 8 17.16 -19.13 4.97
CA LEU C 8 17.68 -17.78 5.05
C LEU C 8 16.50 -16.84 5.07
N VAL C 9 16.51 -15.85 5.97
CA VAL C 9 15.47 -14.82 6.02
C VAL C 9 16.15 -13.48 5.86
N VAL C 10 15.61 -12.61 5.00
CA VAL C 10 16.14 -11.29 4.80
C VAL C 10 15.20 -10.28 5.44
N VAL C 11 15.81 -9.32 6.15
CA VAL C 11 15.09 -8.25 6.83
C VAL C 11 15.79 -6.94 6.57
N GLY C 12 15.10 -5.84 6.84
CA GLY C 12 15.66 -4.51 6.69
C GLY C 12 14.60 -3.54 6.18
N ASP C 13 14.92 -2.26 6.21
CA ASP C 13 13.91 -1.22 5.92
C ASP C 13 13.24 -1.40 4.56
N GLY C 14 12.02 -0.90 4.48
CA GLY C 14 11.36 -0.86 3.18
C GLY C 14 12.20 -0.17 2.14
N ALA C 15 12.18 -0.77 0.97
CA ALA C 15 12.79 -0.30 -0.27
C ALA C 15 14.32 -0.33 -0.24
N CYS C 16 14.93 -1.04 0.69
CA CYS C 16 16.37 -1.05 0.77
C CYS C 16 17.03 -2.10 -0.11
N GLY C 17 16.28 -2.83 -0.91
CA GLY C 17 16.79 -3.69 -1.96
C GLY C 17 16.74 -5.18 -1.64
N LYS C 18 16.05 -5.61 -0.62
CA LYS C 18 15.98 -7.02 -0.25
C LYS C 18 15.51 -7.89 -1.40
N THR C 19 14.37 -7.57 -2.01
CA THR C 19 13.82 -8.43 -3.05
C THR C 19 14.74 -8.48 -4.25
N CYS C 20 15.26 -7.32 -4.65
CA CYS C 20 16.15 -7.32 -5.81
C CYS C 20 17.38 -8.17 -5.56
N LEU C 21 17.90 -8.14 -4.33
CA LEU C 21 19.08 -8.97 -3.99
C LEU C 21 18.72 -10.45 -4.14
N LEU C 22 17.57 -10.86 -3.56
CA LEU C 22 17.23 -12.28 -3.63
C LEU C 22 16.96 -12.71 -5.06
N ILE C 23 16.24 -11.88 -5.82
CA ILE C 23 15.86 -12.23 -7.18
C ILE C 23 17.06 -12.27 -8.09
N VAL C 24 17.98 -11.34 -7.95
CA VAL C 24 19.16 -11.41 -8.79
C VAL C 24 19.97 -12.65 -8.47
N PHE C 25 20.09 -12.97 -7.18
CA PHE C 25 20.85 -14.17 -6.83
C PHE C 25 20.15 -15.42 -7.37
N SER C 26 18.82 -15.47 -7.24
CA SER C 26 18.13 -16.74 -7.52
C SER C 26 17.71 -16.88 -8.96
N LYS C 27 17.33 -15.76 -9.60
CA LYS C 27 16.83 -15.78 -10.96
C LYS C 27 17.65 -14.98 -11.95
N ASP C 28 18.56 -14.15 -11.49
CA ASP C 28 19.36 -13.28 -12.34
C ASP C 28 18.47 -12.36 -13.17
N GLU C 29 17.45 -11.79 -12.53
CA GLU C 29 16.52 -10.89 -13.26
C GLU C 29 16.16 -9.68 -12.40
N PHE C 30 16.94 -8.61 -12.52
CA PHE C 30 16.70 -7.40 -11.72
C PHE C 30 15.32 -6.82 -12.00
N PRO C 31 14.47 -6.68 -10.98
CA PRO C 31 13.09 -6.22 -11.22
C PRO C 31 13.02 -4.78 -11.68
N GLU C 32 12.11 -4.52 -12.62
CA GLU C 32 11.96 -3.16 -13.17
C GLU C 32 11.20 -2.25 -12.18
N VAL C 33 9.92 -2.55 -11.91
CA VAL C 33 9.14 -1.67 -11.06
C VAL C 33 9.25 -2.13 -9.62
N TYR C 34 9.45 -1.19 -8.69
CA TYR C 34 9.38 -1.47 -7.25
C TYR C 34 7.99 -1.88 -6.85
N VAL C 35 7.85 -3.11 -6.35
CA VAL C 35 6.60 -3.57 -5.78
C VAL C 35 6.91 -4.04 -4.36
N PRO C 36 6.43 -3.34 -3.33
CA PRO C 36 6.63 -3.82 -1.97
C PRO C 36 6.20 -5.26 -1.77
N THR C 37 7.03 -5.98 -1.03
CA THR C 37 6.82 -7.35 -0.64
C THR C 37 5.72 -7.39 0.44
N VAL C 38 4.94 -8.47 0.41
CA VAL C 38 4.09 -8.84 1.55
C VAL C 38 4.88 -9.95 2.28
N PHE C 39 4.82 -11.15 1.76
CA PHE C 39 5.81 -12.17 2.12
C PHE C 39 5.79 -13.22 1.04
N GLU C 40 6.91 -13.94 0.88
CA GLU C 40 7.03 -14.99 -0.12
C GLU C 40 8.44 -15.52 0.01
N ASN C 41 8.70 -16.66 -0.63
CA ASN C 41 10.05 -17.19 -0.57
C ASN C 41 10.40 -17.81 -1.90
N TYR C 42 11.69 -18.09 -1.98
CA TYR C 42 12.33 -18.70 -3.15
C TYR C 42 13.24 -19.89 -2.78
N VAL C 43 13.62 -20.67 -3.78
CA VAL C 43 14.56 -21.77 -3.56
C VAL C 43 15.74 -21.50 -4.48
N ALA C 44 16.97 -21.66 -3.96
CA ALA C 44 18.13 -21.53 -4.83
C ALA C 44 19.14 -22.59 -4.48
N ASP C 45 19.86 -23.07 -5.46
CA ASP C 45 20.93 -24.03 -5.18
C ASP C 45 22.27 -23.29 -5.16
N ILE C 46 23.17 -23.72 -4.28
CA ILE C 46 24.50 -23.09 -4.21
C ILE C 46 25.50 -24.13 -3.75
N GLU C 47 26.72 -24.04 -4.27
CA GLU C 47 27.83 -24.90 -3.85
C GLU C 47 28.71 -24.05 -2.96
N VAL C 48 28.87 -24.47 -1.70
CA VAL C 48 29.70 -23.75 -0.74
C VAL C 48 30.57 -24.76 -0.02
N ASP C 49 31.88 -24.51 0.03
CA ASP C 49 32.78 -25.38 0.77
C ASP C 49 32.68 -26.81 0.23
N GLY C 50 32.52 -26.92 -1.08
CA GLY C 50 32.55 -28.19 -1.76
C GLY C 50 31.29 -29.00 -1.62
N LYS C 51 30.25 -28.41 -1.06
CA LYS C 51 28.99 -29.06 -0.71
C LYS C 51 27.80 -28.36 -1.36
N GLN C 52 26.86 -29.14 -1.85
CA GLN C 52 25.64 -28.58 -2.43
C GLN C 52 24.63 -28.25 -1.35
N VAL C 53 24.06 -27.05 -1.40
CA VAL C 53 23.11 -26.62 -0.40
C VAL C 53 21.88 -26.09 -1.12
N GLU C 54 20.68 -26.47 -0.65
CA GLU C 54 19.45 -25.93 -1.16
C GLU C 54 19.03 -24.83 -0.19
N LEU C 55 19.11 -23.58 -0.62
CA LEU C 55 18.80 -22.45 0.23
C LEU C 55 17.37 -22.04 0.00
N ALA C 56 16.61 -21.93 1.07
CA ALA C 56 15.31 -21.29 0.98
C ALA C 56 15.47 -19.83 1.39
N LEU C 57 15.01 -18.91 0.52
CA LEU C 57 15.21 -17.48 0.64
C LEU C 57 13.86 -16.89 1.01
N TRP C 58 13.70 -16.50 2.25
CA TRP C 58 12.41 -15.97 2.75
C TRP C 58 12.47 -14.45 2.74
N ASP C 59 11.60 -13.87 1.91
CA ASP C 59 11.57 -12.44 1.68
C ASP C 59 10.50 -11.83 2.58
N THR C 60 10.81 -10.69 3.15
CA THR C 60 9.97 -10.04 4.15
C THR C 60 9.68 -8.61 3.70
N ALA C 61 8.54 -8.12 4.17
CA ALA C 61 8.20 -6.73 3.99
C ALA C 61 8.90 -5.85 5.00
N GLY C 62 9.61 -4.84 4.53
CA GLY C 62 10.20 -3.89 5.45
C GLY C 62 9.37 -2.77 5.92
N LEU C 63 8.26 -2.48 5.24
CA LEU C 63 7.38 -1.44 5.68
C LEU C 63 6.82 -1.74 7.07
N GLU C 64 6.87 -0.72 7.93
CA GLU C 64 6.39 -0.87 9.30
C GLU C 64 4.96 -1.32 9.30
N ASP C 65 4.18 -0.92 8.29
CA ASP C 65 2.80 -1.34 8.20
C ASP C 65 2.63 -2.85 8.12
N TYR C 66 3.67 -3.59 7.73
CA TYR C 66 3.59 -5.04 7.71
C TYR C 66 4.45 -5.68 8.80
N ASP C 67 4.77 -4.91 9.84
CA ASP C 67 5.49 -5.47 10.99
C ASP C 67 4.81 -6.72 11.50
N ARG C 68 3.47 -6.74 11.54
CA ARG C 68 2.77 -7.87 12.15
C ARG C 68 2.97 -9.15 11.38
N LEU C 69 3.25 -9.03 10.09
CA LEU C 69 3.49 -10.23 9.24
C LEU C 69 4.96 -10.81 9.33
N ARG C 70 5.98 -9.97 9.59
CA ARG C 70 7.41 -10.43 9.65
C ARG C 70 7.60 -11.75 10.50
N PRO C 71 7.00 -11.83 11.69
CA PRO C 71 7.14 -13.06 12.49
C PRO C 71 6.68 -14.40 11.76
N LEU C 72 5.74 -14.36 10.82
CA LEU C 72 5.39 -15.59 10.05
C LEU C 72 6.68 -16.20 9.40
N SER C 73 7.69 -15.38 9.15
CA SER C 73 8.86 -15.88 8.42
C SER C 73 9.96 -16.40 9.32
N TYR C 74 10.02 -15.98 10.58
CA TYR C 74 11.20 -16.24 11.42
C TYR C 74 11.36 -17.65 11.93
N PRO C 75 10.33 -18.48 12.11
CA PRO C 75 10.60 -19.82 12.67
C PRO C 75 11.63 -20.64 11.89
N ASP C 76 12.53 -21.31 12.63
CA ASP C 76 13.44 -22.31 12.05
C ASP C 76 14.42 -21.71 11.03
N THR C 77 14.80 -20.47 11.26
CA THR C 77 15.76 -19.79 10.40
C THR C 77 17.17 -20.22 10.74
N ASP C 78 17.95 -20.46 9.69
CA ASP C 78 19.34 -20.81 9.89
C ASP C 78 20.31 -19.62 9.75
N VAL C 79 19.97 -18.59 9.01
CA VAL C 79 20.84 -17.42 8.85
C VAL C 79 19.97 -16.26 8.46
N ILE C 80 20.31 -15.09 8.95
CA ILE C 80 19.61 -13.84 8.65
C ILE C 80 20.52 -12.97 7.79
N LEU C 81 19.97 -12.42 6.70
CA LEU C 81 20.57 -11.28 6.01
C LEU C 81 19.90 -10.04 6.57
N MET C 82 20.66 -9.15 7.19
CA MET C 82 20.11 -7.94 7.78
C MET C 82 20.59 -6.80 6.89
N CYS C 83 19.69 -6.19 6.12
CA CYS C 83 20.06 -5.31 5.04
C CYS C 83 19.77 -3.84 5.36
N PHE C 84 20.61 -2.96 4.84
CA PHE C 84 20.40 -1.53 4.75
C PHE C 84 20.81 -1.14 3.35
N SER C 85 20.57 0.09 2.95
CA SER C 85 21.07 0.52 1.64
C SER C 85 21.89 1.79 1.76
N VAL C 86 22.90 1.88 0.91
CA VAL C 86 23.83 2.97 1.10
C VAL C 86 23.24 4.32 0.77
N ASP C 87 22.13 4.34 0.00
CA ASP C 87 21.39 5.57 -0.30
C ASP C 87 20.57 6.05 0.88
N SER C 88 20.51 5.29 1.98
CA SER C 88 19.67 5.64 3.12
C SER C 88 20.43 5.54 4.45
N PRO C 89 21.04 6.62 4.88
CA PRO C 89 21.61 6.64 6.22
C PRO C 89 20.63 6.21 7.30
N ASP C 90 19.35 6.58 7.18
CA ASP C 90 18.41 6.12 8.20
C ASP C 90 18.32 4.60 8.24
N SER C 91 18.46 3.92 7.08
CA SER C 91 18.33 2.47 7.08
C SER C 91 19.48 1.81 7.83
N LEU C 92 20.66 2.42 7.86
CA LEU C 92 21.70 1.93 8.73
C LEU C 92 21.40 2.19 10.19
N GLU C 93 20.88 3.41 10.50
CA GLU C 93 20.54 3.69 11.89
C GLU C 93 19.48 2.72 12.40
N ASN C 94 18.59 2.26 11.54
CA ASN C 94 17.54 1.35 11.97
C ASN C 94 18.04 -0.05 12.25
N ILE C 95 19.29 -0.38 11.89
CA ILE C 95 19.89 -1.68 12.15
C ILE C 95 19.91 -1.88 13.66
N PRO C 96 20.55 -1.03 14.44
CA PRO C 96 20.55 -1.25 15.89
C PRO C 96 19.22 -0.90 16.54
N GLU C 97 18.48 0.05 15.95
CA GLU C 97 17.33 0.59 16.67
C GLU C 97 16.11 -0.31 16.51
N LYS C 98 15.99 -0.97 15.38
CA LYS C 98 14.83 -1.82 15.07
C LYS C 98 15.20 -3.25 14.76
N TRP C 99 16.10 -3.50 13.79
CA TRP C 99 16.26 -4.83 13.23
C TRP C 99 16.97 -5.74 14.21
N VAL C 100 18.04 -5.26 14.88
CA VAL C 100 18.68 -6.13 15.86
C VAL C 100 17.75 -6.55 16.97
N PRO C 101 17.00 -5.67 17.65
CA PRO C 101 16.16 -6.18 18.74
C PRO C 101 15.08 -7.11 18.26
N GLU C 102 14.55 -6.88 17.03
CA GLU C 102 13.49 -7.75 16.52
C GLU C 102 14.06 -9.14 16.22
N VAL C 103 15.18 -9.19 15.49
CA VAL C 103 15.72 -10.47 15.13
C VAL C 103 16.26 -11.23 16.35
N LYS C 104 16.82 -10.52 17.35
CA LYS C 104 17.27 -11.22 18.53
C LYS C 104 16.12 -11.81 19.32
N HIS C 105 14.97 -11.16 19.27
CA HIS C 105 13.78 -11.68 19.93
C HIS C 105 13.32 -13.00 19.31
N PHE C 106 13.21 -13.03 17.98
CA PHE C 106 12.60 -14.18 17.32
C PHE C 106 13.63 -15.23 16.96
N CYS C 107 14.88 -14.82 16.75
CA CYS C 107 15.94 -15.71 16.26
C CYS C 107 17.22 -15.55 17.10
N PRO C 108 17.20 -15.89 18.38
CA PRO C 108 18.25 -15.35 19.28
C PRO C 108 19.73 -15.69 18.98
N ASN C 109 19.99 -16.89 18.49
CA ASN C 109 21.35 -17.39 18.25
C ASN C 109 21.58 -17.67 16.78
N VAL C 110 20.84 -17.02 15.92
CA VAL C 110 20.98 -17.21 14.49
C VAL C 110 22.02 -16.22 13.97
N PRO C 111 22.99 -16.66 13.17
CA PRO C 111 24.03 -15.74 12.66
C PRO C 111 23.40 -14.69 11.76
N ILE C 112 23.95 -13.49 11.83
CA ILE C 112 23.48 -12.35 11.05
C ILE C 112 24.60 -11.92 10.12
N ILE C 113 24.30 -11.81 8.84
CA ILE C 113 25.19 -11.11 7.91
C ILE C 113 24.62 -9.71 7.76
N LEU C 114 25.42 -8.69 8.07
CA LEU C 114 25.06 -7.30 7.81
C LEU C 114 25.43 -6.97 6.37
N VAL C 115 24.45 -6.52 5.60
CA VAL C 115 24.59 -6.37 4.16
C VAL C 115 24.26 -4.94 3.80
N ALA C 116 25.21 -4.26 3.16
CA ALA C 116 24.96 -2.97 2.52
C ALA C 116 24.55 -3.22 1.11
N ASN C 117 23.33 -2.80 0.78
CA ASN C 117 22.80 -2.93 -0.58
C ASN C 117 22.99 -1.64 -1.39
N LYS C 118 22.84 -1.79 -2.69
CA LYS C 118 22.83 -0.71 -3.65
C LYS C 118 24.16 0.02 -3.67
N LYS C 119 25.25 -0.73 -3.54
CA LYS C 119 26.54 -0.03 -3.40
C LYS C 119 26.91 0.78 -4.65
N ASP C 120 26.28 0.48 -5.80
CA ASP C 120 26.51 1.26 -7.00
C ASP C 120 26.12 2.71 -6.82
N LEU C 121 25.25 3.01 -5.86
CA LEU C 121 24.77 4.37 -5.74
C LEU C 121 25.75 5.29 -5.06
N ARG C 122 26.83 4.77 -4.47
CA ARG C 122 27.87 5.67 -4.00
C ARG C 122 28.46 6.47 -5.13
N SER C 123 28.43 5.95 -6.36
CA SER C 123 28.98 6.65 -7.52
C SER C 123 27.94 7.44 -8.29
N ASP C 124 26.67 7.41 -7.88
CA ASP C 124 25.59 8.04 -8.62
C ASP C 124 25.50 9.52 -8.24
N GLU C 125 25.74 10.40 -9.22
CA GLU C 125 25.81 11.82 -8.87
C GLU C 125 24.44 12.33 -8.41
N HIS C 126 23.34 11.78 -8.95
CA HIS C 126 22.02 12.25 -8.54
C HIS C 126 21.78 11.94 -7.07
N VAL C 127 22.13 10.73 -6.66
CA VAL C 127 22.02 10.35 -5.26
C VAL C 127 22.90 11.24 -4.40
N ARG C 128 24.16 11.39 -4.80
CA ARG C 128 25.08 12.20 -4.00
C ARG C 128 24.57 13.62 -3.87
N THR C 129 24.08 14.17 -4.98
CA THR C 129 23.61 15.56 -4.98
C THR C 129 22.38 15.73 -4.11
N GLU C 130 21.41 14.83 -4.21
CA GLU C 130 20.21 15.05 -3.41
C GLU C 130 20.47 14.78 -1.95
N LEU C 131 21.28 13.75 -1.61
CA LEU C 131 21.62 13.60 -0.21
C LEU C 131 22.36 14.83 0.28
N ALA C 132 23.32 15.36 -0.51
CA ALA C 132 24.05 16.54 -0.10
C ALA C 132 23.11 17.70 0.13
N ARG C 133 22.08 17.83 -0.71
CA ARG C 133 21.13 18.92 -0.53
C ARG C 133 20.47 18.84 0.84
N MET C 134 20.32 17.65 1.36
CA MET C 134 19.75 17.40 2.67
C MET C 134 20.82 17.15 3.72
N LYS C 135 22.06 17.60 3.45
CA LYS C 135 23.17 17.54 4.40
C LYS C 135 23.46 16.09 4.82
N GLN C 136 23.29 15.14 3.89
CA GLN C 136 23.66 13.78 4.14
C GLN C 136 24.57 13.28 3.02
N GLU C 137 25.02 12.04 3.17
CA GLU C 137 25.84 11.41 2.14
C GLU C 137 25.63 9.92 2.21
N PRO C 138 25.98 9.22 1.13
CA PRO C 138 25.82 7.77 1.15
C PRO C 138 26.59 7.12 2.30
N VAL C 139 26.10 5.98 2.72
CA VAL C 139 26.75 5.26 3.80
C VAL C 139 28.12 4.77 3.35
N ARG C 140 29.14 4.99 4.16
CA ARG C 140 30.49 4.58 3.81
C ARG C 140 30.82 3.20 4.37
N THR C 141 31.73 2.52 3.65
CA THR C 141 32.18 1.19 4.06
C THR C 141 32.62 1.17 5.52
N ASP C 142 33.42 2.14 5.94
CA ASP C 142 33.90 2.12 7.32
C ASP C 142 32.72 2.14 8.30
N ASP C 143 31.67 2.85 7.97
CA ASP C 143 30.55 2.99 8.89
C ASP C 143 29.70 1.72 8.93
N GLY C 144 29.54 1.05 7.80
CA GLY C 144 28.90 -0.25 7.82
C GLY C 144 29.70 -1.23 8.61
N ARG C 145 31.03 -1.26 8.38
CA ARG C 145 31.89 -2.21 9.09
C ARG C 145 31.79 -1.99 10.58
N ALA C 146 31.80 -0.72 11.01
CA ALA C 146 31.72 -0.41 12.44
C ALA C 146 30.40 -0.86 13.02
N MET C 147 29.32 -0.71 12.26
CA MET C 147 28.05 -1.21 12.75
C MET C 147 28.05 -2.72 12.87
N ALA C 148 28.67 -3.42 11.92
CA ALA C 148 28.76 -4.86 12.01
C ALA C 148 29.51 -5.30 13.27
N VAL C 149 30.59 -4.58 13.63
CA VAL C 149 31.28 -4.91 14.87
C VAL C 149 30.36 -4.64 16.06
N ARG C 150 29.66 -3.51 16.02
CA ARG C 150 28.78 -3.14 17.12
C ARG C 150 27.74 -4.22 17.38
N ILE C 151 27.13 -4.73 16.32
CA ILE C 151 26.06 -5.70 16.50
C ILE C 151 26.55 -7.14 16.50
N GLN C 152 27.87 -7.33 16.45
CA GLN C 152 28.48 -8.67 16.46
C GLN C 152 27.91 -9.54 15.35
N ALA C 153 27.82 -8.95 14.16
CA ALA C 153 27.47 -9.69 12.96
C ALA C 153 28.52 -10.75 12.67
N TYR C 154 28.07 -11.84 12.05
CA TYR C 154 28.96 -12.89 11.57
C TYR C 154 29.91 -12.33 10.52
N ASP C 155 29.41 -11.47 9.65
CA ASP C 155 30.23 -10.81 8.64
C ASP C 155 29.52 -9.56 8.20
N TYR C 156 30.27 -8.75 7.48
CA TYR C 156 29.81 -7.53 6.81
C TYR C 156 30.19 -7.58 5.36
N LEU C 157 29.21 -7.37 4.51
CA LEU C 157 29.40 -7.43 3.09
C LEU C 157 28.62 -6.32 2.42
N GLU C 158 29.11 -5.91 1.28
CA GLU C 158 28.46 -4.88 0.48
C GLU C 158 28.20 -5.44 -0.91
N CYS C 159 27.07 -5.04 -1.49
CA CYS C 159 26.72 -5.58 -2.79
C CYS C 159 25.87 -4.60 -3.56
N SER C 160 25.76 -4.89 -4.84
CA SER C 160 24.78 -4.23 -5.70
C SER C 160 24.02 -5.30 -6.46
N ALA C 161 22.70 -5.39 -6.20
CA ALA C 161 21.88 -6.25 -7.04
C ALA C 161 21.86 -5.77 -8.48
N LYS C 162 21.97 -4.46 -8.69
CA LYS C 162 21.83 -3.88 -10.03
C LYS C 162 23.02 -4.25 -10.91
N THR C 163 24.21 -4.27 -10.35
CA THR C 163 25.37 -4.59 -11.16
C THR C 163 25.84 -6.03 -10.92
N LYS C 164 25.31 -6.69 -9.89
CA LYS C 164 25.61 -8.03 -9.38
C LYS C 164 26.88 -8.04 -8.55
N GLU C 165 27.57 -6.91 -8.42
CA GLU C 165 28.79 -6.89 -7.62
C GLU C 165 28.52 -7.36 -6.19
N GLY C 166 29.30 -8.34 -5.73
CA GLY C 166 29.22 -8.77 -4.36
C GLY C 166 28.04 -9.66 -4.02
N VAL C 167 27.19 -9.95 -4.99
CA VAL C 167 25.97 -10.70 -4.69
C VAL C 167 26.30 -12.14 -4.34
N ARG C 168 27.13 -12.79 -5.16
CA ARG C 168 27.48 -14.16 -4.87
C ARG C 168 28.10 -14.31 -3.48
N GLU C 169 28.94 -13.35 -3.10
CA GLU C 169 29.64 -13.41 -1.83
C GLU C 169 28.69 -13.35 -0.65
N VAL C 170 27.61 -12.55 -0.76
CA VAL C 170 26.64 -12.48 0.32
C VAL C 170 26.09 -13.87 0.60
N PHE C 171 25.64 -14.55 -0.44
CA PHE C 171 24.97 -15.83 -0.26
C PHE C 171 25.95 -16.91 0.10
N GLU C 172 27.18 -16.86 -0.42
CA GLU C 172 28.20 -17.84 -0.02
C GLU C 172 28.51 -17.69 1.46
N THR C 173 28.63 -16.45 1.93
CA THR C 173 28.96 -16.23 3.33
C THR C 173 27.78 -16.59 4.21
N ALA C 174 26.57 -16.23 3.81
CA ALA C 174 25.43 -16.64 4.59
C ALA C 174 25.33 -18.15 4.71
N THR C 175 25.61 -18.86 3.63
CA THR C 175 25.55 -20.31 3.66
C THR C 175 26.61 -20.86 4.59
N ARG C 176 27.83 -20.32 4.51
CA ARG C 176 28.88 -20.76 5.41
C ARG C 176 28.43 -20.57 6.87
N ALA C 177 27.74 -19.46 7.15
CA ALA C 177 27.32 -19.20 8.52
C ALA C 177 26.30 -20.26 8.95
N ALA C 178 25.39 -20.62 8.02
CA ALA C 178 24.40 -21.64 8.27
C ALA C 178 25.01 -23.03 8.38
N LEU C 179 26.19 -23.22 7.83
CA LEU C 179 26.87 -24.50 7.93
C LEU C 179 27.85 -24.64 9.08
N GLN C 180 28.00 -23.64 9.95
CA GLN C 180 29.04 -23.68 10.96
C GLN C 180 28.87 -24.89 11.89
N LYS C 181 29.96 -25.62 12.10
CA LYS C 181 29.87 -26.80 12.96
C LYS C 181 29.64 -26.38 14.41
N ARG C 182 28.87 -27.19 15.13
CA ARG C 182 28.60 -26.96 16.55
C ARG C 182 28.99 -28.21 17.32
N TYR C 183 29.69 -28.03 18.43
CA TYR C 183 30.12 -29.17 19.22
C TYR C 183 29.39 -29.22 20.57
N ALA D 1 7.83 6.81 -16.48
CA ALA D 1 9.18 7.33 -16.80
C ALA D 1 9.19 8.86 -16.76
N VAL D 2 8.01 9.47 -16.68
CA VAL D 2 7.95 10.90 -16.42
C VAL D 2 8.41 11.18 -15.00
N GLN D 3 9.36 12.10 -14.86
CA GLN D 3 9.88 12.47 -13.54
C GLN D 3 9.81 13.98 -13.36
N LEU D 4 9.53 14.41 -12.11
CA LEU D 4 9.31 15.81 -11.79
C LEU D 4 10.50 16.44 -11.07
N GLN D 5 10.85 17.67 -11.49
CA GLN D 5 12.07 18.36 -11.08
C GLN D 5 11.70 19.68 -10.42
N ALA D 6 12.20 19.91 -9.21
CA ALA D 6 11.88 21.11 -8.46
C ALA D 6 12.98 22.16 -8.50
N SER D 7 12.56 23.41 -8.59
CA SER D 7 13.50 24.54 -8.67
C SER D 7 12.92 25.76 -7.96
N GLY D 8 13.77 26.79 -7.82
CA GLY D 8 13.32 28.07 -7.30
C GLY D 8 13.48 28.31 -5.80
N GLY D 9 14.15 27.42 -5.08
CA GLY D 9 14.35 27.62 -3.66
C GLY D 9 15.35 28.76 -3.39
N GLY D 10 15.57 29.03 -2.10
CA GLY D 10 16.54 30.04 -1.74
C GLY D 10 16.46 30.39 -0.27
N PHE D 11 17.07 31.52 0.08
CA PHE D 11 17.14 32.03 1.44
C PHE D 11 16.25 33.25 1.55
N VAL D 12 15.42 33.28 2.59
CA VAL D 12 14.52 34.40 2.78
C VAL D 12 14.33 34.68 4.26
N GLN D 13 14.07 35.93 4.58
CA GLN D 13 13.81 36.31 5.94
C GLN D 13 12.39 35.90 6.30
N PRO D 14 12.12 35.60 7.56
CA PRO D 14 10.73 35.32 7.95
C PRO D 14 9.79 36.41 7.43
N GLY D 15 8.63 35.97 6.95
CA GLY D 15 7.64 36.85 6.35
C GLY D 15 7.77 37.05 4.86
N GLY D 16 8.87 36.58 4.26
CA GLY D 16 9.08 36.79 2.84
C GLY D 16 8.38 35.74 1.97
N SER D 17 8.64 35.82 0.67
CA SER D 17 7.96 34.99 -0.33
C SER D 17 8.98 34.33 -1.26
N LEU D 18 8.58 33.19 -1.82
CA LEU D 18 9.33 32.47 -2.83
C LEU D 18 8.36 31.71 -3.73
N ARG D 19 8.71 31.55 -5.00
CA ARG D 19 7.91 30.76 -5.93
C ARG D 19 8.74 29.57 -6.40
N LEU D 20 8.30 28.36 -6.06
CA LEU D 20 8.91 27.14 -6.55
C LEU D 20 8.28 26.70 -7.87
N SER D 21 9.09 26.05 -8.71
CA SER D 21 8.64 25.49 -9.97
C SER D 21 8.88 23.99 -9.99
N CYS D 22 7.92 23.24 -10.54
CA CYS D 22 8.02 21.80 -10.74
C CYS D 22 7.84 21.49 -12.23
N ALA D 23 8.91 21.14 -12.91
CA ALA D 23 8.87 20.83 -14.34
C ALA D 23 8.92 19.32 -14.55
N ALA D 24 8.21 18.84 -15.58
CA ALA D 24 8.18 17.42 -15.91
C ALA D 24 9.25 17.06 -16.94
N SER D 25 9.91 15.91 -16.71
CA SER D 25 10.97 15.41 -17.59
C SER D 25 10.70 13.99 -18.04
N GLY D 26 11.30 13.64 -19.18
CA GLY D 26 11.08 12.33 -19.76
C GLY D 26 9.69 12.21 -20.36
N TYR D 27 9.35 10.98 -20.74
CA TYR D 27 8.09 10.71 -21.42
C TYR D 27 7.46 9.44 -20.85
N GLY D 28 6.20 9.23 -21.21
CA GLY D 28 5.36 8.17 -20.70
C GLY D 28 3.97 8.70 -20.41
N SER D 29 3.16 7.89 -19.75
CA SER D 29 1.81 8.34 -19.43
C SER D 29 1.87 9.55 -18.51
N THR D 30 0.94 10.48 -18.74
CA THR D 30 0.95 11.78 -18.09
C THR D 30 0.78 11.64 -16.58
N ILE D 31 1.36 12.57 -15.84
CA ILE D 31 1.08 12.68 -14.41
C ILE D 31 -0.06 13.68 -14.23
N GLU D 32 -1.21 13.16 -13.82
CA GLU D 32 -2.39 14.01 -13.66
C GLU D 32 -2.47 14.67 -12.29
N THR D 33 -1.90 14.03 -11.26
CA THR D 33 -1.99 14.50 -9.90
C THR D 33 -0.58 14.55 -9.37
N MET D 34 -0.16 15.70 -8.93
CA MET D 34 1.19 15.79 -8.38
C MET D 34 1.15 16.54 -7.06
N GLY D 35 2.19 16.34 -6.26
CA GLY D 35 2.29 17.02 -5.00
C GLY D 35 3.68 17.57 -4.75
N TRP D 36 3.70 18.53 -3.84
CA TRP D 36 4.91 19.04 -3.22
C TRP D 36 5.08 18.40 -1.86
N PHE D 37 6.33 18.02 -1.56
CA PHE D 37 6.75 17.37 -0.34
C PHE D 37 7.95 18.15 0.17
N ARG D 38 8.16 18.14 1.47
CA ARG D 38 9.36 18.80 2.01
C ARG D 38 9.93 17.94 3.10
N GLN D 39 11.27 17.99 3.21
CA GLN D 39 12.03 17.18 4.13
C GLN D 39 12.92 18.09 4.96
N ALA D 40 12.72 18.11 6.26
CA ALA D 40 13.56 18.81 7.22
C ALA D 40 14.34 17.80 8.07
N PRO D 41 15.54 18.18 8.54
CA PRO D 41 16.36 17.21 9.28
C PRO D 41 15.62 16.67 10.49
N GLY D 42 15.75 15.36 10.68
CA GLY D 42 15.20 14.73 11.85
C GLY D 42 13.69 14.59 11.87
N LYS D 43 12.99 14.93 10.79
CA LYS D 43 11.54 14.82 10.76
C LYS D 43 11.08 13.92 9.60
N GLU D 44 9.83 13.46 9.69
CA GLU D 44 9.27 12.70 8.59
C GLU D 44 9.06 13.60 7.38
N ARG D 45 9.11 13.01 6.19
CA ARG D 45 8.80 13.76 4.99
C ARG D 45 7.39 14.28 5.15
N GLU D 46 7.18 15.56 4.81
CA GLU D 46 5.88 16.20 5.03
C GLU D 46 5.24 16.53 3.70
N PHE D 47 3.99 16.11 3.55
CA PHE D 47 3.17 16.50 2.40
C PHE D 47 2.83 17.98 2.53
N VAL D 48 2.96 18.74 1.44
CA VAL D 48 2.74 20.19 1.47
C VAL D 48 1.48 20.57 0.73
N SER D 49 1.36 20.18 -0.54
CA SER D 49 0.27 20.63 -1.40
C SER D 49 0.18 19.71 -2.62
N ALA D 50 -0.99 19.68 -3.24
CA ALA D 50 -1.15 18.88 -4.44
C ALA D 50 -2.20 19.52 -5.33
N ILE D 51 -2.13 19.17 -6.61
CA ILE D 51 -3.07 19.67 -7.63
C ILE D 51 -3.34 18.50 -8.56
N SER D 52 -4.59 18.38 -9.00
CA SER D 52 -4.98 17.26 -9.84
C SER D 52 -5.62 17.79 -11.12
N ARG D 53 -6.69 17.15 -11.59
CA ARG D 53 -7.27 17.51 -12.89
C ARG D 53 -8.14 18.77 -12.83
N ALA D 54 -8.70 19.08 -11.69
CA ALA D 54 -9.64 20.19 -11.59
C ALA D 54 -8.88 21.49 -11.38
N PRO D 55 -9.11 22.48 -12.23
CA PRO D 55 -8.52 23.81 -12.00
C PRO D 55 -9.28 24.52 -10.90
N GLY D 56 -8.83 25.72 -10.60
CA GLY D 56 -9.55 26.59 -9.72
C GLY D 56 -8.82 26.72 -8.40
N PRO D 57 -9.37 27.51 -7.49
CA PRO D 57 -8.65 27.77 -6.24
C PRO D 57 -8.72 26.66 -5.24
N SER D 58 -9.71 25.75 -5.32
CA SER D 58 -9.77 24.67 -4.35
C SER D 58 -8.74 23.62 -4.73
N GLN D 59 -7.72 23.41 -3.88
CA GLN D 59 -6.66 22.44 -4.16
C GLN D 59 -6.35 21.73 -2.85
N TYR D 60 -5.27 20.95 -2.83
CA TYR D 60 -4.93 20.15 -1.65
C TYR D 60 -3.83 20.85 -0.88
N TYR D 61 -4.06 21.13 0.40
CA TYR D 61 -3.11 21.87 1.20
C TYR D 61 -3.00 21.27 2.59
N ALA D 62 -1.76 21.05 3.03
CA ALA D 62 -1.56 20.72 4.43
C ALA D 62 -2.02 21.87 5.31
N ASP D 63 -2.53 21.54 6.49
CA ASP D 63 -2.97 22.57 7.42
C ASP D 63 -1.83 23.56 7.75
N SER D 64 -0.59 23.08 7.81
CA SER D 64 0.55 23.92 8.15
C SER D 64 0.83 25.01 7.14
N VAL D 65 0.23 24.95 5.93
CA VAL D 65 0.54 25.94 4.89
C VAL D 65 -0.71 26.58 4.30
N LYS D 66 -1.89 26.19 4.75
CA LYS D 66 -3.12 26.78 4.24
C LYS D 66 -3.12 28.29 4.36
N GLY D 67 -3.54 28.96 3.29
CA GLY D 67 -3.65 30.39 3.29
C GLY D 67 -2.39 31.12 2.94
N ARG D 68 -1.26 30.45 3.10
CA ARG D 68 0.04 31.05 2.81
C ARG D 68 0.66 30.52 1.53
N PHE D 69 0.40 29.28 1.18
CA PHE D 69 0.96 28.66 -0.01
C PHE D 69 -0.16 28.43 -1.02
N THR D 70 0.15 28.62 -2.30
CA THR D 70 -0.82 28.48 -3.38
C THR D 70 -0.19 27.68 -4.52
N ILE D 71 -0.86 26.61 -4.96
CA ILE D 71 -0.41 25.73 -6.04
C ILE D 71 -1.19 26.03 -7.30
N SER D 72 -0.52 26.06 -8.45
CA SER D 72 -1.22 26.32 -9.74
C SER D 72 -0.53 25.65 -10.96
N ARG D 73 -1.18 25.51 -12.14
CA ARG D 73 -0.59 24.87 -13.37
C ARG D 73 -0.19 26.02 -14.36
N ASP D 74 0.92 25.91 -15.13
CA ASP D 74 1.34 26.99 -16.07
C ASP D 74 0.27 26.97 -17.20
N ASN D 75 -0.27 28.12 -17.67
CA ASN D 75 -1.31 28.08 -18.74
C ASN D 75 -0.89 27.25 -20.04
N SER D 76 0.41 27.28 -20.42
CA SER D 76 0.95 26.54 -21.61
C SER D 76 2.47 26.12 -21.54
N LYS D 77 2.89 25.32 -20.52
CA LYS D 77 4.31 24.82 -20.41
C LYS D 77 4.56 23.52 -19.57
N ASN D 78 3.55 22.67 -19.33
CA ASN D 78 3.70 21.44 -18.52
C ASN D 78 4.52 21.62 -17.19
N THR D 79 4.31 22.74 -16.44
CA THR D 79 5.02 23.13 -15.17
C THR D 79 3.97 23.45 -14.03
N VAL D 80 4.18 23.02 -12.75
CA VAL D 80 3.34 23.29 -11.57
C VAL D 80 4.16 24.28 -10.66
N TYR D 81 3.54 25.36 -10.11
CA TYR D 81 4.17 26.38 -9.23
C TYR D 81 3.61 26.29 -7.82
N LEU D 82 4.49 26.51 -6.87
CA LEU D 82 4.09 26.67 -5.47
C LEU D 82 4.51 28.08 -5.04
N GLN D 83 3.53 28.96 -4.85
CA GLN D 83 3.77 30.32 -4.37
C GLN D 83 3.70 30.32 -2.85
N MET D 84 4.83 30.52 -2.20
CA MET D 84 4.90 30.46 -0.73
C MET D 84 5.04 31.91 -0.23
N ASN D 85 3.99 32.42 0.40
CA ASN D 85 3.97 33.72 1.02
C ASN D 85 4.05 33.55 2.53
N SER D 86 4.31 34.65 3.22
CA SER D 86 4.34 34.69 4.68
C SER D 86 5.18 33.54 5.26
N LEU D 87 6.36 33.35 4.69
CA LEU D 87 7.21 32.23 5.08
C LEU D 87 7.64 32.33 6.54
N ARG D 88 7.81 31.16 7.17
CA ARG D 88 8.18 31.05 8.57
C ARG D 88 9.40 30.15 8.66
N ALA D 89 10.16 30.32 9.74
CA ALA D 89 11.36 29.50 9.92
C ALA D 89 11.04 28.03 9.73
N GLU D 90 9.91 27.56 10.28
CA GLU D 90 9.56 26.15 10.24
C GLU D 90 9.15 25.66 8.86
N ASP D 91 9.09 26.55 7.87
CA ASP D 91 8.97 26.16 6.47
C ASP D 91 10.30 25.73 5.88
N THR D 92 11.38 25.87 6.64
CA THR D 92 12.73 25.51 6.19
C THR D 92 12.81 24.01 5.97
N ALA D 93 13.25 23.61 4.78
CA ALA D 93 13.25 22.23 4.35
C ALA D 93 13.73 22.14 2.91
N THR D 94 14.01 20.91 2.48
CA THR D 94 14.27 20.61 1.08
C THR D 94 12.98 20.19 0.41
N TYR D 95 12.61 20.89 -0.67
CA TYR D 95 11.28 20.68 -1.28
C TYR D 95 11.45 19.83 -2.54
N TYR D 96 10.49 18.89 -2.72
CA TYR D 96 10.50 17.96 -3.85
C TYR D 96 9.10 17.92 -4.41
N CYS D 97 8.99 17.63 -5.70
CA CYS D 97 7.67 17.34 -6.29
C CYS D 97 7.65 15.93 -6.88
N ALA D 98 6.46 15.34 -6.90
CA ALA D 98 6.33 13.93 -7.27
C ALA D 98 4.90 13.66 -7.63
N PRO D 99 4.64 12.60 -8.39
CA PRO D 99 3.25 12.13 -8.53
C PRO D 99 2.67 11.73 -7.18
N ILE D 100 1.34 11.79 -7.06
CA ILE D 100 0.66 11.27 -5.88
C ILE D 100 0.27 9.83 -6.16
N ASN D 101 0.89 8.90 -5.44
CA ASN D 101 0.54 7.50 -5.56
C ASN D 101 0.92 6.82 -4.25
N ASN D 102 0.68 5.52 -4.24
CA ASN D 102 0.96 4.70 -3.04
C ASN D 102 2.45 4.78 -2.64
N ARG D 103 3.33 4.79 -3.63
CA ARG D 103 4.75 4.81 -3.32
C ARG D 103 5.13 6.15 -2.71
N THR D 104 4.68 7.24 -3.31
CA THR D 104 5.12 8.53 -2.81
C THR D 104 4.52 8.85 -1.44
N MET D 105 3.33 8.31 -1.12
CA MET D 105 2.78 8.52 0.21
C MET D 105 3.38 7.59 1.24
N GLN D 106 4.03 6.51 0.79
CA GLN D 106 4.44 5.45 1.72
C GLN D 106 5.65 5.94 2.50
N ASP D 107 5.82 5.36 3.68
CA ASP D 107 6.77 5.86 4.67
C ASP D 107 8.09 5.15 4.44
N SER D 108 8.84 5.59 3.44
CA SER D 108 10.10 4.91 3.20
C SER D 108 11.09 5.83 2.53
N MET D 109 12.29 5.32 2.38
CA MET D 109 13.38 6.10 1.84
C MET D 109 13.04 6.69 0.50
N PHE D 110 13.63 7.86 0.23
CA PHE D 110 13.57 8.34 -1.13
C PHE D 110 14.29 7.35 -2.04
N LEU D 111 13.63 6.89 -3.08
CA LEU D 111 14.24 6.13 -4.16
C LEU D 111 14.63 7.13 -5.26
N TRP D 112 15.93 7.33 -5.49
CA TRP D 112 16.35 8.40 -6.38
C TRP D 112 16.14 8.06 -7.85
N ASN D 113 15.69 6.85 -8.13
CA ASN D 113 15.38 6.46 -9.51
C ASN D 113 13.92 6.91 -9.80
N TYR D 114 13.24 7.38 -8.76
CA TYR D 114 11.86 7.85 -8.85
C TYR D 114 11.66 9.31 -8.47
N TRP D 115 12.59 9.91 -7.74
CA TRP D 115 12.51 11.32 -7.37
C TRP D 115 13.55 12.12 -8.14
N GLY D 116 13.14 13.31 -8.56
CA GLY D 116 14.00 14.25 -9.27
C GLY D 116 14.71 15.21 -8.35
N GLN D 117 15.17 16.33 -8.91
CA GLN D 117 15.92 17.26 -8.09
C GLN D 117 15.01 17.99 -7.13
N GLY D 118 15.51 18.21 -5.95
CA GLY D 118 14.86 19.01 -4.95
C GLY D 118 15.40 20.43 -4.92
N THR D 119 14.78 21.26 -4.08
CA THR D 119 15.22 22.64 -3.94
C THR D 119 15.11 23.10 -2.49
N GLN D 120 16.22 23.63 -1.96
CA GLN D 120 16.28 23.99 -0.55
C GLN D 120 15.62 25.34 -0.31
N VAL D 121 14.80 25.40 0.73
CA VAL D 121 14.20 26.63 1.20
C VAL D 121 14.64 26.87 2.64
N THR D 122 15.29 28.00 2.88
CA THR D 122 15.80 28.33 4.20
C THR D 122 15.24 29.67 4.61
N VAL D 123 14.45 29.67 5.68
CA VAL D 123 13.80 30.85 6.20
C VAL D 123 14.38 31.13 7.57
N SER D 124 15.05 32.26 7.70
CA SER D 124 15.79 32.52 8.92
C SER D 124 16.03 34.00 9.07
N SER D 125 16.05 34.46 10.32
CA SER D 125 16.58 35.80 10.64
C SER D 125 17.93 36.02 9.96
N ALA D 126 18.75 34.99 9.90
CA ALA D 126 20.11 35.12 9.40
C ALA D 126 20.19 35.18 7.88
N ALA D 127 19.08 35.02 7.17
CA ALA D 127 19.11 34.85 5.73
C ALA D 127 19.57 36.13 5.03
N ALA D 128 20.49 35.96 4.07
CA ALA D 128 20.84 37.05 3.18
C ALA D 128 19.88 37.05 1.99
N GLU D 129 19.60 38.25 1.49
CA GLU D 129 18.64 38.47 0.44
C GLU D 129 19.26 39.31 -0.66
N ASN D 130 18.61 39.26 -1.83
CA ASN D 130 19.03 40.01 -3.01
C ASN D 130 20.38 39.54 -3.53
N LEU D 131 20.66 38.26 -3.38
CA LEU D 131 21.97 37.75 -3.77
C LEU D 131 22.08 37.63 -5.30
N TYR D 132 21.08 36.97 -5.90
CA TYR D 132 20.99 36.83 -7.36
C TYR D 132 22.27 36.27 -7.96
N PHE D 133 22.77 35.22 -7.36
CA PHE D 133 23.96 34.58 -7.91
C PHE D 133 23.64 33.94 -9.25
N GLN D 134 24.58 34.06 -10.19
CA GLN D 134 24.41 33.54 -11.54
C GLN D 134 25.00 32.15 -11.75
PG GTP E . -10.87 2.90 -2.66
O1G GTP E . -10.27 3.88 -3.66
O2G GTP E . -11.53 3.64 -1.46
O3G GTP E . -9.77 1.66 -2.11
O3B GTP E . -11.98 1.90 -3.44
PB GTP E . -13.26 2.49 -4.33
O1B GTP E . -14.43 2.77 -3.41
O2B GTP E . -12.83 3.62 -5.25
O3A GTP E . -13.57 1.18 -5.15
PA GTP E . -13.51 1.04 -6.77
O1A GTP E . -14.42 2.01 -7.46
O2A GTP E . -12.03 1.05 -7.18
O5' GTP E . -14.07 -0.43 -6.95
C5' GTP E . -13.69 -1.52 -6.13
C4' GTP E . -13.97 -2.82 -6.78
O4' GTP E . -15.41 -2.95 -6.90
C3' GTP E . -13.49 -2.98 -8.31
O3' GTP E . -13.01 -4.36 -8.36
C2' GTP E . -14.55 -2.63 -9.01
O2' GTP E . -14.47 -3.19 -10.39
C1' GTP E . -15.88 -3.11 -8.33
N9 GTP E . -16.92 -2.28 -8.62
C8 GTP E . -17.01 -0.98 -8.62
N7 GTP E . -18.23 -0.56 -8.99
C5 GTP E . -18.89 -1.68 -9.26
C6 GTP E . -20.28 -1.89 -9.76
O6 GTP E . -21.07 -1.06 -10.00
N1 GTP E . -20.60 -3.21 -9.90
C2 GTP E . -19.77 -4.32 -9.67
N2 GTP E . -20.23 -5.59 -9.88
N3 GTP E . -18.45 -4.16 -9.22
C4 GTP E . -18.11 -2.79 -9.05
H1 GTP E . -10.14 3.42 -4.37
HOG2 GTP E . -12.04 3.10 -1.07
H5' GTP E . -14.18 -1.46 -5.30
H5'' GTP E . -12.74 -1.44 -5.96
H4' GTP E . -13.53 -3.51 -6.26
H3' GTP E . -12.80 -2.40 -8.67
HO3' GTP E . -12.45 -4.41 -8.99
H2' GTP E . -14.56 -1.66 -9.01
HO2' GTP E . -14.56 -4.04 -10.33
H1' GTP E . -16.16 -4.01 -8.55
H8 GTP E . -16.31 -0.42 -8.39
HN21 GTP E . -19.70 -6.27 -9.72
HN22 GTP E . -21.03 -5.72 -10.14
MG MG F . -11.05 4.54 -5.35
MG MG G . -9.73 14.13 -3.74
PG GTP H . 10.15 -4.03 0.55
O1G GTP H . 9.71 -5.31 -0.09
O2G GTP H . 10.63 -4.19 2.04
O3G GTP H . 9.00 -2.71 0.46
O3B GTP H . 11.39 -3.35 -0.33
PB GTP H . 12.76 -4.17 -0.79
O1B GTP H . 13.81 -3.98 0.35
O2B GTP H . 12.46 -5.57 -1.24
O3A GTP H . 13.21 -3.26 -2.01
PA GTP H . 13.37 -3.76 -3.53
O1A GTP H . 14.40 -4.86 -3.65
O2A GTP H . 11.99 -4.03 -4.12
O5' GTP H . 14.02 -2.43 -4.16
C5' GTP H . 13.46 -1.17 -3.98
C4' GTP H . 13.98 -0.21 -5.01
O4' GTP H . 15.38 -0.06 -4.96
C3' GTP H . 13.68 -0.75 -6.55
O3' GTP H . 13.21 0.44 -7.27
C2' GTP H . 14.82 -1.24 -6.88
O2' GTP H . 15.02 -1.23 -8.37
C1' GTP H . 16.04 -0.48 -6.24
N9 GTP H . 17.08 -1.34 -5.99
C8 GTP H . 17.16 -2.55 -5.47
N7 GTP H . 18.45 -2.96 -5.46
C5 GTP H . 19.15 -1.97 -6.01
C6 GTP H . 20.64 -1.88 -6.26
O6 GTP H . 21.46 -2.72 -6.03
N1 GTP H . 21.00 -0.69 -6.88
C2 GTP H . 20.16 0.37 -7.22
N2 GTP H . 20.59 1.55 -7.82
N3 GTP H . 18.77 0.26 -6.97
C4 GTP H . 18.33 -0.95 -6.37
H1 GTP H . 9.55 -5.12 -0.91
HOG2 GTP H . 11.06 -3.49 2.26
H5' GTP H . 13.69 -0.84 -3.10
H5'' GTP H . 12.50 -1.23 -4.06
H4' GTP H . 13.55 0.65 -4.86
H3' GTP H . 13.02 -1.45 -6.67
HO3' GTP H . 13.62 1.13 -6.98
H2' GTP H . 14.80 -2.13 -6.50
HO2' GTP H . 15.15 -2.01 -8.66
H1' GTP H . 16.39 0.26 -6.77
H8 GTP H . 16.44 -3.05 -5.17
HN21 GTP H . 20.01 2.17 -8.01
HN22 GTP H . 21.42 1.68 -7.99
MG MG I . 10.71 -6.60 -1.20
MG MG J . 6.80 -10.04 5.67
#